data_7VEW
#
_entry.id   7VEW
#
_cell.length_a   57.687
_cell.length_b   83.657
_cell.length_c   148.521
_cell.angle_alpha   90.000
_cell.angle_beta   101.036
_cell.angle_gamma   90.000
#
_symmetry.space_group_name_H-M   'P 1 21 1'
#
loop_
_entity.id
_entity.type
_entity.pdbx_description
1 polymer SPH1118
2 branched '2,6-anhydro-3-deoxy-L-threo-hex-2-enonic acid-(1-4)-alpha-D-galactopyranuronic acid-(1-4)-alpha-D-galactopyranuronic acid'
3 non-polymer '4-(2-HYDROXYETHYL)-1-PIPERAZINE ETHANESULFONIC ACID'
4 non-polymer GLYCEROL
5 non-polymer 'L(+)-TARTARIC ACID'
6 water water
#
_entity_poly.entity_id   1
_entity_poly.type   'polypeptide(L)'
_entity_poly.pdbx_seq_one_letter_code
;AAFTQAPMLEQNKQLPPVDQRLPEKPLVIKPIASNGVYGGTLRTVMRGNADGNGILRTIGPQGLTHWTQDIQTVEPYVAE
SYTVSPDAMEYTFKLRKGMKWSDGTPFTADDIVFAMNDVVLNKEMFPQTPSAYLVGGKAPKVSKVDDYTVKFEFPAANLS
FPETLATPLGQHPTLYQKKYCSQFHPAYNKNVQAEFTKANVKDWPSLMRAKCSDIELPSRWSSTERPSIDPWLIKEPYGG
AVTRVVMERNPFYWQVDPTGKQLPYVDRIQYAVVSDLQAIILAATNGQYDIEARLLGSDVTSRPLMLKNQQKGGYKVFGQ
TSANANAAGLWLNQTTKNEKLRKYMTQHDFRQALSLAMDRDEINKVAWLGQAAPWQSGPFKESKWYNEKLATQYLKLDLA
QANQILDRLGLTKRDSDGYRTYPDGGRVSLDAIVMIDRQAMVQTLELIRRQWQKAGVELVIKGSERSLFYNRATANDYDI
SIDVFPGGLDATLNPRAYVAVHPLESRMSLEWAKWYLSGGKQGIEPNESMKKRMALYDQFVAAKTQSQALSLFKQILQIS
ADEFEVIGTVRPAVISSLHSLKLQNVNEKMPFGWPYATPSLSLPQQWYFSKLEHHHHHH
;
_entity_poly.pdbx_strand_id   A,B
#
# COMPACT_ATOMS: atom_id res chain seq x y z
N ALA A 2 -45.22 -8.05 -33.67
CA ALA A 2 -45.52 -8.02 -32.22
C ALA A 2 -44.50 -7.18 -31.42
N PHE A 3 -43.28 -7.69 -31.27
CA PHE A 3 -42.21 -6.96 -30.61
C PHE A 3 -41.26 -6.40 -31.66
N THR A 4 -40.34 -5.54 -31.22
CA THR A 4 -39.32 -4.99 -32.10
C THR A 4 -37.96 -5.17 -31.46
N GLN A 5 -36.91 -4.82 -32.20
CA GLN A 5 -35.55 -5.10 -31.79
C GLN A 5 -34.64 -3.93 -32.13
N ALA A 6 -33.46 -3.96 -31.53
CA ALA A 6 -32.46 -2.93 -31.74
C ALA A 6 -32.04 -2.89 -33.21
N PRO A 7 -32.00 -1.72 -33.84
CA PRO A 7 -31.52 -1.64 -35.22
C PRO A 7 -30.19 -2.35 -35.49
N MET A 8 -29.24 -2.37 -34.54
CA MET A 8 -27.96 -3.01 -34.87
C MET A 8 -28.12 -4.51 -35.12
N LEU A 9 -29.21 -5.11 -34.62
CA LEU A 9 -29.47 -6.52 -34.84
C LEU A 9 -29.90 -6.83 -36.27
N GLU A 10 -30.37 -5.83 -37.03
CA GLU A 10 -30.65 -6.08 -38.45
C GLU A 10 -29.37 -6.48 -39.19
N GLN A 11 -28.21 -6.20 -38.62
CA GLN A 11 -26.92 -6.47 -39.27
C GLN A 11 -26.51 -7.93 -39.19
N ASN A 12 -27.20 -8.75 -38.41
CA ASN A 12 -26.87 -10.17 -38.29
C ASN A 12 -27.94 -10.95 -39.03
N LYS A 13 -27.60 -11.39 -40.26
CA LYS A 13 -28.51 -12.13 -41.12
C LYS A 13 -29.01 -13.41 -40.47
N GLN A 14 -28.20 -14.01 -39.61
CA GLN A 14 -28.49 -15.36 -39.14
C GLN A 14 -29.50 -15.38 -38.00
N LEU A 15 -29.90 -14.23 -37.45
CA LEU A 15 -30.78 -14.23 -36.27
C LEU A 15 -32.22 -14.52 -36.69
N PRO A 16 -32.93 -15.38 -35.97
CA PRO A 16 -34.38 -15.52 -36.19
C PRO A 16 -35.10 -14.19 -35.95
N PRO A 17 -36.33 -14.04 -36.43
CA PRO A 17 -37.12 -12.85 -36.09
C PRO A 17 -37.26 -12.71 -34.58
N VAL A 18 -37.42 -11.46 -34.13
CA VAL A 18 -37.31 -11.16 -32.70
C VAL A 18 -38.39 -11.89 -31.91
N ASP A 19 -39.60 -12.03 -32.48
CA ASP A 19 -40.66 -12.72 -31.74
C ASP A 19 -40.23 -14.15 -31.39
N GLN A 20 -39.37 -14.76 -32.21
CA GLN A 20 -38.97 -16.13 -31.96
C GLN A 20 -37.79 -16.25 -31.02
N ARG A 21 -37.05 -15.15 -30.83
CA ARG A 21 -35.94 -15.15 -29.88
C ARG A 21 -36.41 -14.87 -28.47
N LEU A 22 -37.50 -14.12 -28.32
CA LEU A 22 -38.07 -13.78 -27.02
C LEU A 22 -38.90 -14.92 -26.47
N PRO A 23 -39.11 -14.96 -25.15
CA PRO A 23 -40.15 -15.83 -24.59
C PRO A 23 -41.50 -15.51 -25.21
N GLU A 24 -42.41 -16.50 -25.17
CA GLU A 24 -43.79 -16.22 -25.56
C GLU A 24 -44.35 -15.01 -24.82
N LYS A 25 -44.03 -14.91 -23.52
CA LYS A 25 -44.42 -13.78 -22.66
C LYS A 25 -43.16 -13.18 -22.05
N PRO A 26 -42.53 -12.21 -22.72
CA PRO A 26 -41.33 -11.59 -22.14
C PRO A 26 -41.69 -10.83 -20.88
N LEU A 27 -40.73 -10.73 -19.97
CA LEU A 27 -40.93 -9.89 -18.80
C LEU A 27 -40.98 -8.44 -19.27
N VAL A 28 -42.06 -7.74 -18.94
CA VAL A 28 -42.19 -6.33 -19.30
C VAL A 28 -41.57 -5.51 -18.19
N ILE A 29 -40.59 -4.68 -18.55
CA ILE A 29 -39.89 -3.81 -17.60
C ILE A 29 -40.48 -2.41 -17.72
N LYS A 30 -41.15 -1.94 -16.66
CA LYS A 30 -41.58 -0.55 -16.61
C LYS A 30 -40.36 0.33 -16.33
N PRO A 31 -40.15 1.38 -17.10
CA PRO A 31 -38.93 2.19 -16.91
C PRO A 31 -38.98 3.05 -15.66
N ILE A 32 -37.79 3.42 -15.19
CA ILE A 32 -37.67 4.29 -14.03
C ILE A 32 -38.33 5.64 -14.29
N ALA A 33 -38.12 6.20 -15.48
CA ALA A 33 -38.58 7.56 -15.77
C ALA A 33 -39.31 7.71 -17.09
N SER A 34 -38.79 7.13 -18.17
CA SER A 34 -39.40 7.33 -19.47
C SER A 34 -39.03 6.18 -20.40
N ASN A 35 -39.92 5.93 -21.38
CA ASN A 35 -39.63 4.96 -22.44
C ASN A 35 -38.39 5.40 -23.20
N GLY A 36 -37.49 4.46 -23.49
CA GLY A 36 -36.22 4.78 -24.07
C GLY A 36 -36.15 4.52 -25.57
N VAL A 37 -34.96 4.81 -26.12
CA VAL A 37 -34.61 4.54 -27.51
C VAL A 37 -33.31 3.74 -27.55
N TYR A 38 -33.10 3.05 -28.66
CA TYR A 38 -31.94 2.19 -28.82
C TYR A 38 -30.66 2.96 -29.13
N GLY A 39 -29.53 2.38 -28.74
CA GLY A 39 -28.24 2.77 -29.26
C GLY A 39 -27.26 3.18 -28.17
N GLY A 40 -26.00 3.26 -28.58
CA GLY A 40 -24.93 3.85 -27.79
C GLY A 40 -24.08 2.82 -27.05
N THR A 41 -22.99 3.31 -26.47
CA THR A 41 -22.05 2.53 -25.69
C THR A 41 -21.95 3.11 -24.29
N LEU A 42 -22.15 2.27 -23.28
CA LEU A 42 -22.05 2.69 -21.89
C LEU A 42 -20.59 2.60 -21.45
N ARG A 43 -19.97 3.74 -21.17
CA ARG A 43 -18.58 3.76 -20.73
C ARG A 43 -18.53 3.74 -19.22
N THR A 44 -17.83 2.76 -18.64
CA THR A 44 -17.62 2.72 -17.20
C THR A 44 -16.22 2.16 -16.93
N VAL A 45 -15.99 1.62 -15.72
CA VAL A 45 -14.63 1.38 -15.26
C VAL A 45 -14.59 0.25 -14.23
N MET A 46 -13.49 -0.51 -14.26
CA MET A 46 -13.14 -1.50 -13.24
C MET A 46 -11.63 -1.43 -12.99
N ARG A 47 -11.19 -2.04 -11.89
CA ARG A 47 -9.77 -2.13 -11.57
C ARG A 47 -9.17 -3.39 -12.19
N GLY A 48 -7.83 -3.42 -12.24
CA GLY A 48 -7.16 -4.54 -12.88
C GLY A 48 -7.11 -5.81 -12.06
N ASN A 49 -7.22 -5.70 -10.75
CA ASN A 49 -6.96 -6.81 -9.83
C ASN A 49 -8.28 -7.35 -9.29
N ALA A 50 -8.73 -8.49 -9.84
CA ALA A 50 -9.81 -9.27 -9.23
C ALA A 50 -11.05 -8.42 -9.00
N ASP A 51 -11.41 -7.63 -10.01
CA ASP A 51 -12.55 -6.73 -9.92
C ASP A 51 -13.68 -7.16 -10.87
N GLY A 52 -13.81 -8.46 -11.10
CA GLY A 52 -14.90 -8.94 -11.91
C GLY A 52 -16.28 -8.62 -11.37
N ASN A 53 -16.41 -8.38 -10.06
CA ASN A 53 -17.73 -8.00 -9.54
C ASN A 53 -18.17 -6.64 -10.07
N GLY A 54 -17.25 -5.84 -10.60
CA GLY A 54 -17.65 -4.60 -11.24
C GLY A 54 -18.53 -4.84 -12.46
N ILE A 55 -18.23 -5.92 -13.20
CA ILE A 55 -19.12 -6.29 -14.31
C ILE A 55 -20.44 -6.78 -13.77
N LEU A 56 -20.42 -7.66 -12.77
CA LEU A 56 -21.68 -8.18 -12.23
C LEU A 56 -22.56 -7.05 -11.68
N ARG A 57 -21.97 -6.05 -11.05
CA ARG A 57 -22.75 -4.97 -10.45
C ARG A 57 -23.12 -3.87 -11.44
N THR A 58 -22.64 -3.97 -12.68
CA THR A 58 -23.07 -3.11 -13.76
C THR A 58 -24.24 -3.72 -14.53
N ILE A 59 -24.12 -4.98 -14.95
CA ILE A 59 -25.16 -5.58 -15.76
C ILE A 59 -26.25 -6.25 -14.92
N GLY A 60 -25.93 -6.72 -13.71
CA GLY A 60 -26.94 -7.22 -12.80
C GLY A 60 -27.00 -8.74 -12.79
N PRO A 61 -27.01 -9.32 -11.60
CA PRO A 61 -27.37 -10.74 -11.48
C PRO A 61 -28.76 -10.96 -12.04
N GLN A 62 -28.91 -11.97 -12.90
CA GLN A 62 -30.21 -12.33 -13.48
C GLN A 62 -30.79 -13.54 -12.73
N GLY A 63 -31.35 -13.26 -11.56
CA GLY A 63 -31.80 -14.30 -10.66
C GLY A 63 -33.29 -14.62 -10.80
N LEU A 64 -33.71 -15.69 -10.11
CA LEU A 64 -35.12 -16.10 -10.17
C LEU A 64 -36.05 -14.99 -9.68
N THR A 65 -35.58 -14.16 -8.73
CA THR A 65 -36.29 -12.99 -8.25
C THR A 65 -35.39 -11.76 -8.34
N HIS A 66 -35.99 -10.59 -8.14
CA HIS A 66 -35.27 -9.32 -8.23
C HIS A 66 -35.82 -8.36 -7.19
N TRP A 67 -34.92 -7.58 -6.57
CA TRP A 67 -35.36 -6.56 -5.63
C TRP A 67 -36.23 -5.52 -6.33
N THR A 68 -37.22 -5.01 -5.59
CA THR A 68 -37.87 -3.76 -5.97
C THR A 68 -36.92 -2.59 -5.76
N GLN A 69 -37.25 -1.45 -6.34
CA GLN A 69 -36.37 -0.29 -6.26
C GLN A 69 -36.16 0.18 -4.83
N ASP A 70 -37.17 0.02 -3.96
CA ASP A 70 -37.03 0.41 -2.57
C ASP A 70 -36.50 -0.72 -1.68
N ILE A 71 -36.04 -1.80 -2.29
CA ILE A 71 -35.44 -2.98 -1.66
C ILE A 71 -36.23 -3.53 -0.47
N GLN A 72 -37.53 -3.21 -0.39
CA GLN A 72 -38.33 -3.76 0.70
C GLN A 72 -38.85 -5.17 0.40
N THR A 73 -38.98 -5.55 -0.86
CA THR A 73 -39.50 -6.86 -1.24
C THR A 73 -38.83 -7.28 -2.56
N VAL A 74 -39.19 -8.47 -3.03
CA VAL A 74 -38.69 -8.98 -4.31
C VAL A 74 -39.91 -9.38 -5.15
N GLU A 75 -39.67 -9.53 -6.44
CA GLU A 75 -40.69 -9.96 -7.40
C GLU A 75 -40.11 -11.04 -8.30
N PRO A 76 -40.96 -11.88 -8.90
CA PRO A 76 -40.47 -12.85 -9.89
C PRO A 76 -39.68 -12.13 -10.97
N TYR A 77 -38.50 -12.67 -11.29
CA TYR A 77 -37.64 -12.06 -12.30
C TYR A 77 -37.40 -13.05 -13.45
N VAL A 78 -36.38 -13.92 -13.35
CA VAL A 78 -36.26 -14.96 -14.37
C VAL A 78 -37.49 -15.86 -14.34
N ALA A 79 -37.94 -16.21 -13.15
CA ALA A 79 -39.19 -16.97 -13.02
C ALA A 79 -40.38 -16.07 -13.36
N GLU A 80 -41.33 -16.64 -14.11
CA GLU A 80 -42.57 -15.92 -14.42
C GLU A 80 -43.38 -15.70 -13.15
N SER A 81 -43.40 -16.69 -12.27
CA SER A 81 -44.14 -16.64 -11.02
C SER A 81 -43.62 -17.78 -10.16
N TYR A 82 -43.98 -17.76 -8.89
CA TYR A 82 -43.67 -18.88 -8.02
C TYR A 82 -44.75 -18.96 -6.95
N THR A 83 -44.90 -20.15 -6.39
CA THR A 83 -45.79 -20.37 -5.27
C THR A 83 -44.97 -20.94 -4.11
N VAL A 84 -45.46 -20.71 -2.89
CA VAL A 84 -44.82 -21.19 -1.67
C VAL A 84 -45.86 -22.00 -0.91
N SER A 85 -45.45 -23.15 -0.39
CA SER A 85 -46.34 -23.90 0.47
C SER A 85 -46.58 -23.12 1.76
N PRO A 86 -47.71 -23.36 2.43
CA PRO A 86 -48.02 -22.59 3.65
C PRO A 86 -46.94 -22.66 4.71
N ASP A 87 -46.20 -23.76 4.82
CA ASP A 87 -45.16 -23.92 5.82
C ASP A 87 -43.81 -23.35 5.38
N ALA A 88 -43.76 -22.62 4.27
CA ALA A 88 -42.56 -21.98 3.75
C ALA A 88 -41.45 -22.97 3.42
N MET A 89 -41.77 -24.23 3.15
CA MET A 89 -40.75 -25.22 2.83
C MET A 89 -40.61 -25.54 1.36
N GLU A 90 -41.69 -25.48 0.58
CA GLU A 90 -41.70 -25.89 -0.81
C GLU A 90 -41.89 -24.66 -1.70
N TYR A 91 -40.90 -24.37 -2.56
CA TYR A 91 -40.93 -23.26 -3.52
C TYR A 91 -40.99 -23.83 -4.94
N THR A 92 -42.04 -23.46 -5.69
CA THR A 92 -42.23 -23.93 -7.06
C THR A 92 -42.21 -22.75 -8.02
N PHE A 93 -41.27 -22.77 -8.95
CA PHE A 93 -41.06 -21.66 -9.88
C PHE A 93 -41.57 -22.04 -11.26
N LYS A 94 -42.41 -21.17 -11.83
CA LYS A 94 -42.81 -21.30 -13.21
C LYS A 94 -41.89 -20.44 -14.07
N LEU A 95 -41.33 -21.05 -15.10
CA LEU A 95 -40.39 -20.39 -15.99
C LEU A 95 -41.10 -19.89 -17.25
N ARG A 96 -40.43 -19.03 -17.99
CA ARG A 96 -41.03 -18.35 -19.13
C ARG A 96 -40.86 -19.22 -20.37
N LYS A 97 -41.97 -19.72 -20.91
CA LYS A 97 -41.87 -20.63 -22.03
C LYS A 97 -41.27 -19.93 -23.25
N GLY A 98 -40.40 -20.65 -23.95
CA GLY A 98 -39.73 -20.10 -25.11
C GLY A 98 -38.53 -19.24 -24.79
N MET A 99 -38.22 -18.99 -23.52
CA MET A 99 -37.01 -18.25 -23.18
C MET A 99 -35.77 -19.01 -23.62
N LYS A 100 -34.72 -18.26 -23.98
CA LYS A 100 -33.55 -18.86 -24.61
C LYS A 100 -32.28 -18.29 -23.98
N TRP A 101 -31.25 -19.13 -23.97
CA TRP A 101 -29.89 -18.70 -23.66
C TRP A 101 -29.34 -17.78 -24.74
N SER A 102 -28.18 -17.19 -24.44
CA SER A 102 -27.52 -16.30 -25.39
C SER A 102 -27.14 -17.01 -26.69
N ASP A 103 -26.97 -18.33 -26.69
CA ASP A 103 -26.67 -19.08 -27.92
C ASP A 103 -27.93 -19.54 -28.66
N GLY A 104 -29.11 -19.07 -28.27
CA GLY A 104 -30.33 -19.42 -28.97
C GLY A 104 -31.00 -20.71 -28.55
N THR A 105 -30.38 -21.49 -27.64
CA THR A 105 -30.97 -22.75 -27.22
C THR A 105 -31.91 -22.55 -26.03
N PRO A 106 -32.80 -23.50 -25.77
CA PRO A 106 -33.84 -23.29 -24.76
C PRO A 106 -33.31 -23.17 -23.33
N PHE A 107 -33.92 -22.26 -22.58
CA PHE A 107 -33.72 -22.12 -21.14
C PHE A 107 -34.93 -22.78 -20.47
N THR A 108 -34.70 -23.90 -19.79
CA THR A 108 -35.79 -24.72 -19.27
C THR A 108 -35.45 -25.15 -17.85
N ALA A 109 -36.35 -25.91 -17.23
CA ALA A 109 -36.10 -26.40 -15.88
C ALA A 109 -34.89 -27.33 -15.85
N ASP A 110 -34.59 -27.99 -16.97
CA ASP A 110 -33.38 -28.82 -17.04
C ASP A 110 -32.15 -28.04 -16.60
N ASP A 111 -32.09 -26.76 -16.95
CA ASP A 111 -30.91 -25.94 -16.63
C ASP A 111 -30.84 -25.64 -15.13
N ILE A 112 -31.99 -25.38 -14.51
CA ILE A 112 -31.97 -25.04 -13.10
C ILE A 112 -31.72 -26.30 -12.25
N VAL A 113 -32.28 -27.43 -12.66
CA VAL A 113 -32.03 -28.68 -11.94
C VAL A 113 -30.56 -29.08 -12.05
N PHE A 114 -29.97 -28.95 -13.25
CA PHE A 114 -28.53 -29.17 -13.42
C PHE A 114 -27.73 -28.26 -12.52
N ALA A 115 -27.99 -26.94 -12.58
CA ALA A 115 -27.22 -26.00 -11.78
C ALA A 115 -27.27 -26.37 -10.29
N MET A 116 -28.43 -26.80 -9.79
CA MET A 116 -28.54 -27.10 -8.36
C MET A 116 -27.96 -28.47 -8.03
N ASN A 117 -28.41 -29.52 -8.72
CA ASN A 117 -28.07 -30.88 -8.32
C ASN A 117 -26.68 -31.29 -8.76
N ASP A 118 -26.23 -30.83 -9.92
CA ASP A 118 -24.97 -31.31 -10.45
C ASP A 118 -23.80 -30.39 -10.15
N VAL A 119 -24.05 -29.14 -9.78
CA VAL A 119 -22.98 -28.20 -9.50
C VAL A 119 -23.04 -27.74 -8.04
N VAL A 120 -24.05 -26.92 -7.70
CA VAL A 120 -24.10 -26.29 -6.38
C VAL A 120 -24.09 -27.34 -5.28
N LEU A 121 -24.98 -28.34 -5.39
CA LEU A 121 -25.16 -29.37 -4.39
C LEU A 121 -24.20 -30.53 -4.52
N ASN A 122 -23.35 -30.53 -5.54
CA ASN A 122 -22.35 -31.56 -5.72
C ASN A 122 -21.18 -31.29 -4.77
N LYS A 123 -20.86 -32.27 -3.92
CA LYS A 123 -19.89 -32.05 -2.85
C LYS A 123 -18.43 -32.12 -3.32
N GLU A 124 -18.16 -32.67 -4.51
CA GLU A 124 -16.83 -32.51 -5.07
C GLU A 124 -16.64 -31.13 -5.68
N MET A 125 -17.68 -30.59 -6.31
CA MET A 125 -17.64 -29.21 -6.79
C MET A 125 -17.51 -28.24 -5.62
N PHE A 126 -18.43 -28.33 -4.65
CA PHE A 126 -18.47 -27.47 -3.48
C PHE A 126 -18.46 -28.32 -2.23
N PRO A 127 -17.29 -28.63 -1.66
CA PRO A 127 -17.28 -29.38 -0.39
C PRO A 127 -18.20 -28.76 0.65
N GLN A 128 -18.28 -27.44 0.72
CA GLN A 128 -19.31 -26.75 1.49
C GLN A 128 -20.28 -26.12 0.52
N THR A 129 -21.52 -26.58 0.54
CA THR A 129 -22.56 -25.98 -0.28
C THR A 129 -22.65 -24.49 0.02
N PRO A 130 -22.65 -23.62 -0.99
CA PRO A 130 -22.96 -22.20 -0.74
C PRO A 130 -24.18 -22.07 0.16
N SER A 131 -24.02 -21.31 1.26
CA SER A 131 -25.04 -21.30 2.30
C SER A 131 -26.33 -20.61 1.87
N ALA A 132 -26.34 -19.88 0.76
CA ALA A 132 -27.57 -19.26 0.27
C ALA A 132 -28.69 -20.27 0.09
N TYR A 133 -28.36 -21.53 -0.20
CA TYR A 133 -29.36 -22.56 -0.48
C TYR A 133 -29.59 -23.49 0.70
N LEU A 134 -29.01 -23.20 1.86
CA LEU A 134 -29.08 -24.08 3.02
C LEU A 134 -30.00 -23.52 4.10
N VAL A 135 -30.61 -24.44 4.86
CA VAL A 135 -31.37 -24.11 6.06
C VAL A 135 -30.76 -24.89 7.21
N GLY A 136 -30.18 -24.18 8.19
CA GLY A 136 -29.49 -24.85 9.28
C GLY A 136 -28.40 -25.77 8.79
N GLY A 137 -27.74 -25.42 7.69
CA GLY A 137 -26.71 -26.26 7.10
C GLY A 137 -27.21 -27.42 6.26
N LYS A 138 -28.52 -27.53 6.05
CA LYS A 138 -29.08 -28.66 5.31
C LYS A 138 -29.64 -28.18 3.97
N ALA A 139 -29.53 -29.04 2.96
CA ALA A 139 -29.80 -28.67 1.58
C ALA A 139 -31.24 -28.95 1.20
N PRO A 140 -31.76 -28.26 0.18
CA PRO A 140 -33.07 -28.60 -0.36
C PRO A 140 -32.95 -29.68 -1.43
N LYS A 141 -34.07 -30.33 -1.68
CA LYS A 141 -34.19 -31.26 -2.80
C LYS A 141 -34.78 -30.50 -3.97
N VAL A 142 -34.07 -30.48 -5.10
CA VAL A 142 -34.47 -29.76 -6.29
C VAL A 142 -34.90 -30.78 -7.32
N SER A 143 -36.09 -30.59 -7.90
CA SER A 143 -36.60 -31.56 -8.85
C SER A 143 -37.33 -30.88 -9.99
N LYS A 144 -37.32 -31.51 -11.15
CA LYS A 144 -38.06 -31.03 -12.30
C LYS A 144 -39.52 -31.43 -12.16
N VAL A 145 -40.42 -30.47 -12.33
CA VAL A 145 -41.84 -30.83 -12.40
C VAL A 145 -42.27 -31.05 -13.85
N ASP A 146 -42.01 -30.07 -14.70
CA ASP A 146 -42.12 -30.25 -16.16
C ASP A 146 -41.10 -29.30 -16.79
N ASP A 147 -41.09 -29.23 -18.13
CA ASP A 147 -40.03 -28.47 -18.80
C ASP A 147 -39.91 -27.04 -18.26
N TYR A 148 -40.98 -26.48 -17.69
CA TYR A 148 -40.98 -25.07 -17.31
C TYR A 148 -41.42 -24.87 -15.86
N THR A 149 -41.21 -25.88 -15.02
CA THR A 149 -41.56 -25.82 -13.60
C THR A 149 -40.51 -26.59 -12.81
N VAL A 150 -39.94 -25.95 -11.78
CA VAL A 150 -38.90 -26.53 -10.95
C VAL A 150 -39.25 -26.28 -9.48
N LYS A 151 -38.97 -27.26 -8.62
CA LYS A 151 -39.39 -27.24 -7.22
C LYS A 151 -38.18 -27.35 -6.28
N PHE A 152 -38.14 -26.49 -5.26
CA PHE A 152 -37.18 -26.55 -4.16
C PHE A 152 -37.90 -26.96 -2.89
N GLU A 153 -37.46 -28.06 -2.26
CA GLU A 153 -38.08 -28.57 -1.04
C GLU A 153 -37.07 -28.53 0.11
N PHE A 154 -37.22 -27.55 0.97
CA PHE A 154 -36.31 -27.44 2.11
C PHE A 154 -36.76 -28.31 3.27
N PRO A 155 -35.82 -28.76 4.11
CA PRO A 155 -36.18 -29.58 5.27
C PRO A 155 -36.73 -28.79 6.46
N ALA A 156 -36.87 -27.48 6.33
CA ALA A 156 -37.43 -26.64 7.38
C ALA A 156 -37.90 -25.36 6.72
N ALA A 157 -38.68 -24.57 7.48
CA ALA A 157 -39.15 -23.29 6.98
C ALA A 157 -37.98 -22.44 6.51
N ASN A 158 -38.21 -21.71 5.40
CA ASN A 158 -37.18 -20.87 4.80
C ASN A 158 -37.88 -19.58 4.30
N LEU A 159 -38.32 -18.77 5.27
CA LEU A 159 -39.07 -17.54 4.96
C LEU A 159 -38.29 -16.59 4.05
N SER A 160 -36.96 -16.55 4.16
CA SER A 160 -36.18 -15.53 3.46
C SER A 160 -35.70 -15.96 2.07
N PHE A 161 -36.08 -17.14 1.59
CA PHE A 161 -35.45 -17.62 0.35
C PHE A 161 -35.72 -16.71 -0.84
N PRO A 162 -36.91 -16.12 -1.03
CA PRO A 162 -37.04 -15.19 -2.16
C PRO A 162 -36.07 -14.01 -2.11
N GLU A 163 -35.78 -13.48 -0.92
CA GLU A 163 -34.78 -12.42 -0.80
C GLU A 163 -33.39 -12.91 -1.18
N THR A 164 -32.99 -14.07 -0.66
CA THR A 164 -31.70 -14.65 -1.02
C THR A 164 -31.55 -14.76 -2.54
N LEU A 165 -32.60 -15.21 -3.21
CA LEU A 165 -32.57 -15.41 -4.65
C LEU A 165 -32.42 -14.12 -5.42
N ALA A 166 -32.66 -12.97 -4.79
CA ALA A 166 -32.44 -11.66 -5.42
C ALA A 166 -31.05 -11.09 -5.19
N THR A 167 -30.17 -11.79 -4.44
CA THR A 167 -28.84 -11.26 -4.19
C THR A 167 -27.83 -11.85 -5.16
N PRO A 168 -26.66 -11.23 -5.28
CA PRO A 168 -25.66 -11.79 -6.20
C PRO A 168 -25.24 -13.21 -5.83
N LEU A 169 -25.09 -13.52 -4.55
CA LEU A 169 -24.70 -14.86 -4.15
C LEU A 169 -25.83 -15.89 -4.25
N GLY A 170 -27.05 -15.46 -4.58
CA GLY A 170 -28.17 -16.37 -4.75
C GLY A 170 -28.51 -16.75 -6.18
N GLN A 171 -27.63 -16.46 -7.14
CA GLN A 171 -27.98 -16.55 -8.56
C GLN A 171 -27.46 -17.81 -9.23
N HIS A 172 -26.89 -18.76 -8.48
CA HIS A 172 -26.47 -20.02 -9.08
C HIS A 172 -27.56 -20.70 -9.90
N PRO A 173 -28.84 -20.75 -9.49
CA PRO A 173 -29.81 -21.54 -10.25
C PRO A 173 -29.88 -21.19 -11.74
N THR A 174 -29.48 -19.97 -12.14
CA THR A 174 -29.65 -19.49 -13.50
C THR A 174 -28.32 -19.29 -14.22
N LEU A 175 -27.22 -19.79 -13.66
CA LEU A 175 -25.88 -19.46 -14.12
C LEU A 175 -25.26 -20.53 -15.02
N TYR A 176 -25.85 -21.72 -15.08
CA TYR A 176 -25.22 -22.88 -15.69
C TYR A 176 -26.13 -23.46 -16.76
N GLN A 177 -25.77 -23.26 -18.02
CA GLN A 177 -26.47 -23.95 -19.09
C GLN A 177 -26.07 -25.41 -19.07
N LYS A 178 -27.05 -26.29 -18.92
CA LYS A 178 -26.76 -27.72 -18.86
C LYS A 178 -26.00 -28.19 -20.10
N LYS A 179 -26.42 -27.76 -21.30
CA LYS A 179 -25.82 -28.27 -22.53
C LYS A 179 -24.33 -27.97 -22.56
N TYR A 180 -23.97 -26.71 -22.34
CA TYR A 180 -22.56 -26.31 -22.41
C TYR A 180 -21.77 -26.91 -21.24
N CYS A 181 -22.27 -26.72 -20.00
CA CYS A 181 -21.49 -27.10 -18.83
C CYS A 181 -21.41 -28.61 -18.65
N SER A 182 -22.38 -29.37 -19.16
CA SER A 182 -22.33 -30.82 -19.02
C SER A 182 -21.10 -31.44 -19.67
N GLN A 183 -20.49 -30.78 -20.66
CA GLN A 183 -19.31 -31.39 -21.27
C GLN A 183 -18.12 -31.42 -20.31
N PHE A 184 -18.19 -30.68 -19.21
CA PHE A 184 -17.11 -30.57 -18.25
C PHE A 184 -17.45 -31.26 -16.93
N HIS A 185 -18.46 -32.12 -16.93
CA HIS A 185 -18.95 -32.81 -15.75
C HIS A 185 -18.79 -34.30 -15.94
N PRO A 186 -18.14 -35.01 -15.00
CA PRO A 186 -17.94 -36.45 -15.19
C PRO A 186 -19.23 -37.25 -15.25
N ALA A 187 -20.32 -36.74 -14.67
CA ALA A 187 -21.60 -37.46 -14.72
C ALA A 187 -22.19 -37.51 -16.12
N TYR A 188 -21.72 -36.65 -17.01
CA TYR A 188 -22.25 -36.53 -18.36
C TYR A 188 -21.21 -36.81 -19.43
N ASN A 189 -19.98 -36.35 -19.25
CA ASN A 189 -18.89 -36.58 -20.21
C ASN A 189 -18.05 -37.75 -19.72
N LYS A 190 -18.19 -38.90 -20.40
CA LYS A 190 -17.36 -40.07 -20.09
C LYS A 190 -15.89 -39.77 -20.29
N ASN A 191 -15.57 -38.78 -21.13
CA ASN A 191 -14.21 -38.44 -21.51
C ASN A 191 -13.82 -37.06 -20.99
N VAL A 192 -14.32 -36.69 -19.80
CA VAL A 192 -14.03 -35.36 -19.26
C VAL A 192 -12.54 -35.20 -18.99
N GLN A 193 -11.85 -36.29 -18.68
CA GLN A 193 -10.40 -36.25 -18.52
C GLN A 193 -9.71 -35.53 -19.68
N ALA A 194 -10.11 -35.82 -20.91
CA ALA A 194 -9.45 -35.23 -22.06
C ALA A 194 -9.58 -33.72 -22.10
N GLU A 195 -10.51 -33.15 -21.32
CA GLU A 195 -10.68 -31.71 -21.23
C GLU A 195 -9.70 -31.04 -20.25
N PHE A 196 -9.04 -31.81 -19.40
CA PHE A 196 -8.18 -31.22 -18.36
C PHE A 196 -6.96 -30.53 -18.98
N THR A 197 -6.24 -31.25 -19.85
CA THR A 197 -5.03 -30.68 -20.42
C THR A 197 -5.34 -29.45 -21.26
N LYS A 198 -6.51 -29.39 -21.88
CA LYS A 198 -6.88 -28.22 -22.67
C LYS A 198 -7.00 -26.97 -21.80
N ALA A 199 -7.51 -27.12 -20.59
CA ALA A 199 -7.73 -26.01 -19.67
C ALA A 199 -6.60 -25.84 -18.65
N ASN A 200 -5.56 -26.67 -18.72
CA ASN A 200 -4.46 -26.65 -17.77
C ASN A 200 -4.97 -26.76 -16.33
N VAL A 201 -5.87 -27.72 -16.11
CA VAL A 201 -6.34 -28.08 -14.78
C VAL A 201 -6.03 -29.57 -14.56
N LYS A 202 -6.29 -30.04 -13.33
CA LYS A 202 -6.01 -31.43 -13.02
C LYS A 202 -7.20 -32.21 -12.46
N ASP A 203 -8.33 -31.55 -12.21
CA ASP A 203 -9.54 -32.22 -11.76
C ASP A 203 -10.76 -31.52 -12.35
N TRP A 204 -11.91 -32.20 -12.31
CA TRP A 204 -13.08 -31.64 -12.97
C TRP A 204 -13.67 -30.43 -12.25
N PRO A 205 -13.63 -30.35 -10.91
CA PRO A 205 -14.11 -29.10 -10.28
C PRO A 205 -13.31 -27.89 -10.73
N SER A 206 -11.98 -28.02 -10.85
CA SER A 206 -11.18 -26.94 -11.41
C SER A 206 -11.56 -26.67 -12.86
N LEU A 207 -11.79 -27.74 -13.64
CA LEU A 207 -12.29 -27.59 -15.00
C LEU A 207 -13.60 -26.80 -15.02
N MET A 208 -14.57 -27.22 -14.20
CA MET A 208 -15.87 -26.56 -14.17
C MET A 208 -15.74 -25.09 -13.80
N ARG A 209 -14.86 -24.77 -12.83
CA ARG A 209 -14.62 -23.37 -12.47
C ARG A 209 -13.99 -22.59 -13.62
N ALA A 210 -13.04 -23.20 -14.32
CA ALA A 210 -12.35 -22.50 -15.41
C ALA A 210 -13.28 -22.21 -16.58
N LYS A 211 -14.14 -23.16 -16.94
CA LYS A 211 -14.98 -23.03 -18.12
C LYS A 211 -16.36 -22.46 -17.80
N CYS A 212 -16.94 -22.85 -16.66
CA CYS A 212 -18.32 -22.52 -16.36
C CYS A 212 -18.47 -21.50 -15.23
N SER A 213 -17.44 -21.35 -14.39
CA SER A 213 -17.35 -20.24 -13.44
C SER A 213 -18.16 -20.41 -12.17
N ASP A 214 -18.19 -19.33 -11.39
CA ASP A 214 -18.92 -19.21 -10.13
C ASP A 214 -19.31 -17.73 -9.99
N ILE A 215 -20.00 -17.39 -8.90
CA ILE A 215 -20.53 -16.02 -8.75
C ILE A 215 -19.43 -14.98 -8.94
N GLU A 216 -18.31 -15.16 -8.26
CA GLU A 216 -17.32 -14.09 -8.17
C GLU A 216 -15.98 -14.47 -8.80
N LEU A 217 -15.93 -15.52 -9.60
CA LEU A 217 -14.65 -15.90 -10.20
C LEU A 217 -14.37 -15.04 -11.44
N PRO A 218 -13.13 -14.61 -11.64
CA PRO A 218 -12.84 -13.86 -12.88
C PRO A 218 -13.14 -14.66 -14.13
N SER A 219 -13.09 -16.00 -14.07
CA SER A 219 -13.44 -16.81 -15.24
C SER A 219 -14.87 -16.56 -15.72
N ARG A 220 -15.73 -15.96 -14.90
CA ARG A 220 -17.10 -15.67 -15.35
C ARG A 220 -17.13 -14.70 -16.52
N TRP A 221 -16.07 -13.90 -16.70
CA TRP A 221 -16.06 -12.83 -17.71
C TRP A 221 -14.89 -12.96 -18.67
N SER A 222 -14.20 -14.10 -18.67
CA SER A 222 -12.96 -14.26 -19.42
C SER A 222 -13.12 -15.05 -20.70
N SER A 223 -14.32 -15.54 -21.03
CA SER A 223 -14.51 -16.22 -22.31
C SER A 223 -15.71 -15.65 -23.03
N THR A 224 -15.75 -15.89 -24.34
CA THR A 224 -16.89 -15.50 -25.16
C THR A 224 -17.86 -16.64 -25.41
N GLU A 225 -17.47 -17.89 -25.12
CA GLU A 225 -18.29 -19.05 -25.45
C GLU A 225 -19.20 -19.50 -24.31
N ARG A 226 -19.07 -18.93 -23.12
CA ARG A 226 -19.87 -19.36 -21.98
C ARG A 226 -21.28 -18.79 -22.06
N PRO A 227 -22.31 -19.61 -22.27
CA PRO A 227 -23.67 -19.08 -22.44
C PRO A 227 -24.23 -18.49 -21.17
N SER A 228 -25.06 -17.47 -21.34
CA SER A 228 -25.76 -16.85 -20.22
C SER A 228 -27.09 -16.27 -20.70
N ILE A 229 -27.84 -15.74 -19.74
CA ILE A 229 -29.08 -15.03 -20.01
C ILE A 229 -28.90 -13.55 -19.63
N ASP A 230 -27.65 -13.05 -19.70
CA ASP A 230 -27.35 -11.69 -19.30
C ASP A 230 -27.81 -10.70 -20.38
N PRO A 231 -28.10 -9.45 -20.00
CA PRO A 231 -28.49 -8.45 -21.01
C PRO A 231 -27.37 -8.10 -21.98
N TRP A 232 -26.11 -8.22 -21.59
CA TRP A 232 -24.97 -8.07 -22.49
C TRP A 232 -23.99 -9.21 -22.28
N LEU A 233 -23.28 -9.55 -23.36
CA LEU A 233 -22.41 -10.70 -23.44
C LEU A 233 -20.97 -10.23 -23.65
N ILE A 234 -20.03 -10.99 -23.09
CA ILE A 234 -18.61 -10.64 -23.25
C ILE A 234 -18.21 -10.79 -24.72
N LYS A 235 -17.61 -9.75 -25.27
CA LYS A 235 -17.02 -9.80 -26.61
C LYS A 235 -15.51 -9.66 -26.59
N GLU A 236 -15.00 -8.75 -25.76
CA GLU A 236 -13.56 -8.64 -25.51
C GLU A 236 -13.40 -8.92 -24.02
N PRO A 237 -12.77 -10.03 -23.65
CA PRO A 237 -12.94 -10.55 -22.29
C PRO A 237 -12.00 -9.91 -21.27
N TYR A 238 -12.41 -10.08 -20.02
CA TYR A 238 -11.63 -9.79 -18.83
C TYR A 238 -10.58 -10.88 -18.61
N GLY A 239 -9.62 -10.59 -17.75
CA GLY A 239 -8.66 -11.60 -17.33
C GLY A 239 -7.23 -11.33 -17.73
N GLY A 240 -6.97 -11.23 -19.03
CA GLY A 240 -5.62 -11.05 -19.50
C GLY A 240 -4.98 -9.77 -19.01
N ALA A 241 -3.92 -9.34 -19.67
CA ALA A 241 -3.31 -8.05 -19.36
C ALA A 241 -4.07 -6.95 -20.11
N VAL A 242 -5.39 -6.95 -20.01
CA VAL A 242 -6.21 -6.09 -20.86
C VAL A 242 -6.39 -4.73 -20.21
N THR A 243 -6.67 -3.73 -21.04
CA THR A 243 -7.01 -2.40 -20.59
C THR A 243 -8.45 -2.04 -20.90
N ARG A 244 -9.23 -2.96 -21.49
CA ARG A 244 -10.59 -2.66 -21.89
C ARG A 244 -11.37 -3.96 -22.03
N VAL A 245 -12.59 -3.96 -21.49
CA VAL A 245 -13.54 -5.05 -21.65
C VAL A 245 -14.73 -4.51 -22.42
N VAL A 246 -15.24 -5.29 -23.37
CA VAL A 246 -16.39 -4.87 -24.15
C VAL A 246 -17.45 -5.96 -24.08
N MET A 247 -18.68 -5.58 -23.76
CA MET A 247 -19.83 -6.46 -23.80
C MET A 247 -20.84 -5.90 -24.79
N GLU A 248 -21.55 -6.79 -25.46
CA GLU A 248 -22.51 -6.43 -26.47
C GLU A 248 -23.87 -7.05 -26.15
N ARG A 249 -24.93 -6.37 -26.59
CA ARG A 249 -26.29 -6.81 -26.34
C ARG A 249 -26.50 -8.28 -26.70
N ASN A 250 -27.20 -8.99 -25.81
CA ASN A 250 -27.63 -10.37 -25.98
C ASN A 250 -28.84 -10.41 -26.91
N PRO A 251 -28.69 -10.94 -28.14
CA PRO A 251 -29.84 -10.97 -29.07
C PRO A 251 -31.00 -11.78 -28.56
N PHE A 252 -30.77 -12.70 -27.63
CA PHE A 252 -31.82 -13.50 -27.03
C PHE A 252 -32.24 -13.01 -25.65
N TYR A 253 -31.96 -11.76 -25.28
CA TYR A 253 -32.43 -11.26 -23.98
C TYR A 253 -33.95 -11.35 -23.92
N TRP A 254 -34.46 -11.50 -22.70
CA TRP A 254 -35.80 -12.08 -22.48
C TRP A 254 -36.79 -11.06 -21.93
N GLN A 255 -36.55 -9.77 -22.14
CA GLN A 255 -37.39 -8.71 -21.62
C GLN A 255 -37.71 -7.70 -22.72
N VAL A 256 -38.84 -7.00 -22.53
CA VAL A 256 -39.25 -5.90 -23.40
C VAL A 256 -39.65 -4.71 -22.52
N ASP A 257 -39.77 -3.55 -23.15
CA ASP A 257 -40.34 -2.41 -22.47
C ASP A 257 -41.84 -2.31 -22.78
N PRO A 258 -42.56 -1.37 -22.14
CA PRO A 258 -44.03 -1.35 -22.31
C PRO A 258 -44.51 -1.12 -23.73
N THR A 259 -43.63 -0.70 -24.65
CA THR A 259 -44.00 -0.56 -26.05
C THR A 259 -43.57 -1.77 -26.88
N GLY A 260 -42.97 -2.79 -26.26
CA GLY A 260 -42.59 -3.98 -26.98
C GLY A 260 -41.19 -4.01 -27.58
N LYS A 261 -40.32 -3.08 -27.20
CA LYS A 261 -38.92 -3.12 -27.62
C LYS A 261 -38.17 -4.16 -26.80
N GLN A 262 -37.55 -5.13 -27.48
CA GLN A 262 -36.62 -6.02 -26.78
C GLN A 262 -35.47 -5.21 -26.18
N LEU A 263 -35.25 -5.38 -24.88
CA LEU A 263 -34.15 -4.72 -24.17
C LEU A 263 -32.85 -5.50 -24.31
N PRO A 264 -31.69 -4.91 -23.96
CA PRO A 264 -31.41 -3.57 -23.43
C PRO A 264 -31.54 -2.47 -24.48
N TYR A 265 -31.70 -1.23 -24.03
CA TYR A 265 -31.68 -0.11 -24.98
C TYR A 265 -30.27 0.12 -25.50
N VAL A 266 -29.26 0.09 -24.61
CA VAL A 266 -27.87 0.40 -24.96
C VAL A 266 -27.22 -0.80 -25.64
N ASP A 267 -26.47 -0.55 -26.72
CA ASP A 267 -25.94 -1.63 -27.56
C ASP A 267 -24.76 -2.35 -26.90
N ARG A 268 -23.87 -1.60 -26.23
CA ARG A 268 -22.60 -2.12 -25.75
C ARG A 268 -22.22 -1.48 -24.43
N ILE A 269 -21.42 -2.20 -23.64
CA ILE A 269 -20.77 -1.63 -22.47
C ILE A 269 -19.27 -1.76 -22.63
N GLN A 270 -18.55 -0.70 -22.30
CA GLN A 270 -17.10 -0.65 -22.38
C GLN A 270 -16.54 -0.29 -21.01
N TYR A 271 -15.79 -1.23 -20.42
CA TYR A 271 -15.12 -1.04 -19.13
C TYR A 271 -13.66 -0.70 -19.41
N ALA A 272 -13.23 0.50 -19.02
CA ALA A 272 -11.80 0.73 -18.87
C ALA A 272 -11.29 -0.10 -17.68
N VAL A 273 -10.21 -0.83 -17.89
CA VAL A 273 -9.57 -1.62 -16.85
C VAL A 273 -8.34 -0.83 -16.43
N VAL A 274 -8.44 -0.13 -15.29
CA VAL A 274 -7.47 0.88 -14.92
C VAL A 274 -6.62 0.36 -13.77
N SER A 275 -5.29 0.53 -13.89
CA SER A 275 -4.34 -0.07 -12.96
C SER A 275 -4.26 0.68 -11.64
N ASP A 276 -4.77 1.91 -11.56
CA ASP A 276 -4.53 2.77 -10.41
C ASP A 276 -5.74 3.66 -10.13
N LEU A 277 -5.94 3.98 -8.85
CA LEU A 277 -7.10 4.76 -8.42
C LEU A 277 -7.10 6.17 -9.02
N GLN A 278 -6.01 6.91 -8.79
CA GLN A 278 -6.00 8.34 -9.11
C GLN A 278 -6.40 8.59 -10.56
N ALA A 279 -6.11 7.66 -11.46
CA ALA A 279 -6.50 7.81 -12.85
C ALA A 279 -8.02 7.69 -13.02
N ILE A 280 -8.65 6.79 -12.26
CA ILE A 280 -10.11 6.70 -12.29
C ILE A 280 -10.71 8.06 -11.92
N ILE A 281 -10.18 8.68 -10.87
CA ILE A 281 -10.69 9.97 -10.41
C ILE A 281 -10.61 11.00 -11.53
N LEU A 282 -9.45 11.11 -12.17
CA LEU A 282 -9.26 12.14 -13.19
C LEU A 282 -10.15 11.90 -14.40
N ALA A 283 -10.24 10.65 -14.86
CA ALA A 283 -11.12 10.35 -15.99
C ALA A 283 -12.58 10.62 -15.62
N ALA A 284 -12.98 10.29 -14.40
CA ALA A 284 -14.35 10.57 -13.97
C ALA A 284 -14.63 12.07 -13.97
N THR A 285 -13.70 12.86 -13.42
CA THR A 285 -13.89 14.31 -13.37
C THR A 285 -13.80 14.95 -14.75
N ASN A 286 -13.24 14.23 -15.74
CA ASN A 286 -13.24 14.73 -17.11
C ASN A 286 -14.45 14.24 -17.90
N GLY A 287 -15.35 13.49 -17.27
CA GLY A 287 -16.55 13.04 -17.94
C GLY A 287 -16.37 11.86 -18.86
N GLN A 288 -15.32 11.07 -18.67
CA GLN A 288 -15.08 9.94 -19.55
C GLN A 288 -15.94 8.71 -19.23
N TYR A 289 -16.68 8.72 -18.12
CA TYR A 289 -17.53 7.60 -17.74
C TYR A 289 -18.99 8.02 -17.76
N ASP A 290 -19.84 7.20 -18.40
CA ASP A 290 -21.27 7.48 -18.41
C ASP A 290 -21.93 7.10 -17.09
N ILE A 291 -21.35 6.17 -16.36
CA ILE A 291 -21.83 5.83 -15.03
C ILE A 291 -20.62 5.40 -14.20
N GLU A 292 -20.56 5.90 -12.96
CA GLU A 292 -19.65 5.38 -11.96
C GLU A 292 -20.37 5.51 -10.63
N ALA A 293 -20.69 4.38 -10.03
CA ALA A 293 -21.46 4.36 -8.79
C ALA A 293 -21.01 3.16 -7.99
N ARG A 294 -19.69 3.00 -7.87
CA ARG A 294 -19.10 1.81 -7.26
C ARG A 294 -17.73 2.09 -6.64
N LEU A 295 -16.76 2.51 -7.46
CA LEU A 295 -15.39 2.65 -7.00
C LEU A 295 -15.09 3.99 -6.32
N LEU A 296 -15.75 5.06 -6.74
CA LEU A 296 -15.47 6.40 -6.20
C LEU A 296 -16.45 6.82 -5.12
N GLY A 297 -17.38 5.94 -4.72
CA GLY A 297 -18.47 6.36 -3.86
C GLY A 297 -18.02 6.78 -2.47
N SER A 298 -16.91 6.23 -1.99
CA SER A 298 -16.48 6.44 -0.61
C SER A 298 -15.19 7.23 -0.52
N ASP A 299 -14.92 8.07 -1.52
CA ASP A 299 -13.75 8.93 -1.49
C ASP A 299 -14.25 10.36 -1.32
N VAL A 300 -14.36 10.78 -0.06
CA VAL A 300 -14.83 12.14 0.20
C VAL A 300 -13.81 13.17 -0.25
N THR A 301 -12.53 12.78 -0.36
CA THR A 301 -11.49 13.74 -0.73
C THR A 301 -11.74 14.37 -2.10
N SER A 302 -12.49 13.71 -2.98
CA SER A 302 -12.57 14.14 -4.36
C SER A 302 -13.93 14.70 -4.76
N ARG A 303 -14.92 14.68 -3.87
CA ARG A 303 -16.22 15.23 -4.22
C ARG A 303 -16.19 16.72 -4.52
N PRO A 304 -15.35 17.54 -3.88
CA PRO A 304 -15.19 18.93 -4.35
C PRO A 304 -14.89 19.02 -5.83
N LEU A 305 -13.91 18.26 -6.33
CA LEU A 305 -13.61 18.29 -7.75
C LEU A 305 -14.71 17.61 -8.56
N MET A 306 -15.24 16.48 -8.05
CA MET A 306 -16.39 15.84 -8.69
C MET A 306 -17.53 16.83 -8.89
N LEU A 307 -17.97 17.46 -7.80
CA LEU A 307 -19.04 18.44 -7.87
C LEU A 307 -18.67 19.58 -8.80
N LYS A 308 -17.43 20.06 -8.71
CA LYS A 308 -17.01 21.24 -9.47
C LYS A 308 -17.10 20.98 -10.97
N ASN A 309 -16.60 19.83 -11.42
CA ASN A 309 -16.49 19.56 -12.85
C ASN A 309 -17.76 18.94 -13.45
N GLN A 310 -18.87 18.92 -12.71
CA GLN A 310 -20.10 18.36 -13.26
C GLN A 310 -20.44 18.96 -14.62
N GLN A 311 -20.45 20.30 -14.69
CA GLN A 311 -20.90 20.96 -15.91
C GLN A 311 -19.89 20.80 -17.04
N LYS A 312 -18.60 20.95 -16.74
CA LYS A 312 -17.58 20.77 -17.76
C LYS A 312 -17.54 19.32 -18.25
N GLY A 313 -17.70 18.36 -17.34
CA GLY A 313 -17.67 16.95 -17.73
C GLY A 313 -18.97 16.40 -18.28
N GLY A 314 -20.08 17.12 -18.13
CA GLY A 314 -21.35 16.64 -18.64
C GLY A 314 -21.93 15.49 -17.84
N TYR A 315 -21.80 15.51 -16.52
CA TYR A 315 -22.34 14.46 -15.68
C TYR A 315 -23.03 15.08 -14.47
N LYS A 316 -23.86 14.27 -13.81
CA LYS A 316 -24.57 14.67 -12.61
C LYS A 316 -24.12 13.77 -11.46
N VAL A 317 -23.73 14.39 -10.36
CA VAL A 317 -23.43 13.69 -9.14
C VAL A 317 -24.73 13.48 -8.38
N PHE A 318 -24.92 12.28 -7.82
CA PHE A 318 -26.07 11.97 -6.99
C PHE A 318 -25.61 11.13 -5.81
N GLY A 319 -26.25 11.34 -4.65
CA GLY A 319 -25.89 10.64 -3.45
C GLY A 319 -26.72 9.38 -3.24
N GLN A 320 -26.10 8.40 -2.59
CA GLN A 320 -26.78 7.17 -2.23
C GLN A 320 -26.57 6.90 -0.75
N THR A 321 -27.56 6.27 -0.13
CA THR A 321 -27.42 5.82 1.25
C THR A 321 -26.79 4.45 1.26
N SER A 322 -25.66 4.31 1.94
CA SER A 322 -25.01 3.02 2.05
C SER A 322 -25.70 2.14 3.08
N ALA A 323 -25.83 0.86 2.76
CA ALA A 323 -26.37 -0.12 3.69
C ALA A 323 -25.36 -0.51 4.78
N ASN A 324 -24.09 -0.17 4.62
CA ASN A 324 -23.09 -0.61 5.57
C ASN A 324 -23.21 0.12 6.90
N ALA A 325 -23.06 -0.63 7.99
CA ALA A 325 -23.00 0.00 9.32
C ALA A 325 -21.70 0.75 9.51
N ASN A 326 -20.61 0.32 8.87
CA ASN A 326 -19.33 0.96 9.07
C ASN A 326 -18.54 0.98 7.77
N ALA A 327 -18.02 2.16 7.42
CA ALA A 327 -17.26 2.35 6.20
C ALA A 327 -15.88 1.69 6.26
N ALA A 328 -15.33 1.48 7.44
CA ALA A 328 -13.95 0.96 7.51
C ALA A 328 -13.74 0.43 8.93
N GLY A 329 -14.05 -0.84 9.12
CA GLY A 329 -14.00 -1.41 10.45
C GLY A 329 -12.88 -2.40 10.64
N LEU A 330 -12.50 -2.58 11.90
CA LEU A 330 -11.38 -3.43 12.27
C LEU A 330 -11.92 -4.81 12.63
N TRP A 331 -11.67 -5.78 11.75
CA TRP A 331 -11.99 -7.17 12.04
C TRP A 331 -10.82 -7.79 12.81
N LEU A 332 -11.02 -8.09 14.08
CA LEU A 332 -9.94 -8.63 14.92
C LEU A 332 -9.95 -10.14 14.89
N ASN A 333 -8.80 -10.75 14.62
CA ASN A 333 -8.72 -12.19 14.41
C ASN A 333 -8.60 -12.91 15.74
N GLN A 334 -9.70 -13.50 16.20
CA GLN A 334 -9.67 -14.30 17.42
C GLN A 334 -8.76 -15.53 17.31
N THR A 335 -8.46 -15.99 16.10
CA THR A 335 -7.59 -17.14 15.95
C THR A 335 -6.23 -16.73 15.37
N THR A 336 -5.76 -15.53 15.73
CA THR A 336 -4.44 -15.10 15.28
C THR A 336 -3.39 -16.13 15.66
N LYS A 337 -2.48 -16.40 14.71
CA LYS A 337 -1.39 -17.34 14.99
C LYS A 337 -0.33 -16.75 15.92
N ASN A 338 -0.42 -15.46 16.24
CA ASN A 338 0.50 -14.85 17.20
C ASN A 338 0.09 -15.28 18.61
N GLU A 339 0.83 -16.27 19.15
CA GLU A 339 0.47 -16.87 20.43
C GLU A 339 0.40 -15.84 21.56
N LYS A 340 1.45 -15.03 21.71
CA LYS A 340 1.44 -14.03 22.78
C LYS A 340 0.28 -13.07 22.60
N LEU A 341 0.04 -12.60 21.38
CA LEU A 341 -1.04 -11.67 21.14
C LEU A 341 -2.40 -12.31 21.42
N ARG A 342 -2.58 -13.57 21.01
CA ARG A 342 -3.90 -14.18 21.13
C ARG A 342 -4.40 -14.16 22.58
N LYS A 343 -3.50 -14.28 23.56
CA LYS A 343 -3.92 -14.26 24.97
C LYS A 343 -4.65 -12.98 25.33
N TYR A 344 -4.39 -11.89 24.60
CA TYR A 344 -5.05 -10.62 24.87
C TYR A 344 -6.15 -10.33 23.87
N MET A 345 -5.94 -10.69 22.60
CA MET A 345 -6.96 -10.54 21.58
C MET A 345 -8.30 -11.15 22.00
N THR A 346 -8.26 -12.28 22.69
CA THR A 346 -9.48 -12.98 23.06
C THR A 346 -10.14 -12.39 24.31
N GLN A 347 -9.54 -11.36 24.90
CA GLN A 347 -10.10 -10.72 26.09
C GLN A 347 -10.96 -9.54 25.67
N HIS A 348 -12.23 -9.56 26.05
CA HIS A 348 -13.11 -8.42 25.79
C HIS A 348 -12.42 -7.10 26.16
N ASP A 349 -11.93 -6.99 27.39
CA ASP A 349 -11.42 -5.70 27.84
C ASP A 349 -10.24 -5.21 27.00
N PHE A 350 -9.45 -6.13 26.45
CA PHE A 350 -8.38 -5.71 25.54
C PHE A 350 -8.95 -5.03 24.30
N ARG A 351 -9.99 -5.62 23.71
CA ARG A 351 -10.63 -5.03 22.54
C ARG A 351 -11.29 -3.71 22.89
N GLN A 352 -11.92 -3.63 24.06
CA GLN A 352 -12.50 -2.38 24.54
C GLN A 352 -11.42 -1.31 24.67
N ALA A 353 -10.28 -1.67 25.26
CA ALA A 353 -9.19 -0.71 25.37
C ALA A 353 -8.78 -0.17 24.00
N LEU A 354 -8.64 -1.06 23.02
CA LEU A 354 -8.24 -0.61 21.67
C LEU A 354 -9.26 0.36 21.08
N SER A 355 -10.55 0.15 21.39
CA SER A 355 -11.57 1.05 20.86
C SER A 355 -11.56 2.38 21.59
N LEU A 356 -11.34 2.34 22.91
CA LEU A 356 -11.24 3.58 23.69
C LEU A 356 -10.01 4.41 23.34
N ALA A 357 -8.95 3.79 22.79
CA ALA A 357 -7.76 4.56 22.41
C ALA A 357 -7.89 5.22 21.05
N MET A 358 -8.97 4.92 20.31
CA MET A 358 -9.22 5.51 19.00
C MET A 358 -9.91 6.85 19.14
N ASP A 359 -9.62 7.76 18.22
CA ASP A 359 -10.24 9.08 18.17
C ASP A 359 -11.02 9.17 16.86
N ARG A 360 -12.30 8.81 16.92
CA ARG A 360 -13.11 8.73 15.71
C ARG A 360 -13.46 10.10 15.15
N ASP A 361 -13.43 11.14 15.98
CA ASP A 361 -13.65 12.48 15.47
C ASP A 361 -12.51 12.90 14.57
N GLU A 362 -11.27 12.56 14.93
CA GLU A 362 -10.14 12.87 14.05
C GLU A 362 -10.23 12.07 12.76
N ILE A 363 -10.53 10.77 12.85
CA ILE A 363 -10.70 9.96 11.65
C ILE A 363 -11.77 10.58 10.75
N ASN A 364 -12.91 10.95 11.33
CA ASN A 364 -13.95 11.62 10.56
C ASN A 364 -13.41 12.86 9.86
N LYS A 365 -12.77 13.75 10.64
CA LYS A 365 -12.29 15.02 10.11
C LYS A 365 -11.28 14.79 8.98
N VAL A 366 -10.28 13.93 9.21
CA VAL A 366 -9.16 13.83 8.29
C VAL A 366 -9.51 12.92 7.11
N ALA A 367 -9.99 11.71 7.39
CA ALA A 367 -10.22 10.72 6.34
C ALA A 367 -11.54 10.95 5.60
N TRP A 368 -12.49 11.67 6.19
CA TRP A 368 -13.83 11.77 5.62
C TRP A 368 -14.29 13.21 5.48
N LEU A 369 -13.39 14.17 5.67
CA LEU A 369 -13.71 15.59 5.66
C LEU A 369 -14.91 15.89 6.55
N GLY A 370 -15.05 15.13 7.64
CA GLY A 370 -16.12 15.35 8.59
C GLY A 370 -17.49 14.90 8.12
N GLN A 371 -17.57 14.20 6.99
CA GLN A 371 -18.85 13.83 6.40
C GLN A 371 -19.41 12.50 6.89
N ALA A 372 -18.61 11.69 7.58
CA ALA A 372 -19.13 10.46 8.17
C ALA A 372 -19.56 10.76 9.61
N ALA A 373 -19.60 9.74 10.47
CA ALA A 373 -19.89 9.96 11.88
C ALA A 373 -19.45 8.73 12.66
N PRO A 374 -19.01 8.89 13.92
CA PRO A 374 -18.60 7.73 14.70
C PRO A 374 -19.70 6.68 14.80
N TRP A 375 -19.31 5.40 14.73
CA TRP A 375 -20.25 4.28 14.80
C TRP A 375 -19.45 3.02 15.04
N GLN A 376 -20.07 2.03 15.69
CA GLN A 376 -19.44 0.72 15.71
C GLN A 376 -20.01 -0.13 14.57
N SER A 377 -20.74 -1.19 14.87
CA SER A 377 -21.13 -2.16 13.85
C SER A 377 -22.63 -2.40 13.76
N GLY A 378 -23.44 -1.73 14.56
CA GLY A 378 -24.84 -2.06 14.65
C GLY A 378 -25.72 -1.52 13.52
N PRO A 379 -26.90 -2.11 13.36
CA PRO A 379 -27.90 -1.54 12.46
C PRO A 379 -28.24 -0.10 12.84
N PHE A 380 -28.74 0.65 11.86
CA PHE A 380 -29.06 2.04 12.09
C PHE A 380 -30.32 2.16 12.96
N LYS A 381 -30.60 3.39 13.44
CA LYS A 381 -31.71 3.55 14.39
C LYS A 381 -33.07 3.32 13.74
N GLU A 382 -33.19 3.56 12.42
CA GLU A 382 -34.44 3.28 11.73
C GLU A 382 -34.67 1.78 11.55
N SER A 383 -33.64 0.97 11.74
CA SER A 383 -33.78 -0.47 11.59
C SER A 383 -34.61 -1.04 12.74
N LYS A 384 -35.48 -2.00 12.41
CA LYS A 384 -36.11 -2.78 13.45
C LYS A 384 -35.10 -3.57 14.26
N TRP A 385 -33.86 -3.70 13.77
CA TRP A 385 -32.80 -4.42 14.47
C TRP A 385 -31.94 -3.51 15.33
N TYR A 386 -32.28 -2.24 15.47
CA TYR A 386 -31.40 -1.32 16.19
C TYR A 386 -31.09 -1.82 17.59
N ASN A 387 -29.81 -1.85 17.93
CA ASN A 387 -29.34 -2.18 19.27
C ASN A 387 -28.37 -1.07 19.70
N GLU A 388 -28.76 -0.27 20.69
CA GLU A 388 -27.95 0.90 21.06
C GLU A 388 -26.53 0.48 21.43
N LYS A 389 -26.39 -0.58 22.23
CA LYS A 389 -25.06 -1.01 22.68
C LYS A 389 -24.17 -1.39 21.50
N LEU A 390 -24.70 -2.19 20.58
CA LEU A 390 -23.94 -2.61 19.41
C LEU A 390 -23.53 -1.43 18.53
N ALA A 391 -24.38 -0.40 18.46
CA ALA A 391 -24.06 0.77 17.65
C ALA A 391 -23.09 1.74 18.32
N THR A 392 -23.26 2.04 19.61
CA THR A 392 -22.60 3.21 20.20
C THR A 392 -21.65 2.96 21.37
N GLN A 393 -21.45 1.73 21.83
CA GLN A 393 -20.56 1.55 22.97
C GLN A 393 -19.11 1.87 22.58
N TYR A 394 -18.37 2.45 23.55
CA TYR A 394 -16.92 2.65 23.42
C TYR A 394 -16.55 3.53 22.24
N LEU A 395 -17.41 4.49 21.88
CA LEU A 395 -17.12 5.38 20.75
C LEU A 395 -16.26 6.58 21.12
N LYS A 396 -16.38 7.09 22.34
CA LYS A 396 -15.67 8.30 22.73
C LYS A 396 -14.24 7.96 23.14
N LEU A 397 -13.28 8.71 22.61
CA LEU A 397 -11.90 8.59 23.03
C LEU A 397 -11.78 8.69 24.55
N ASP A 398 -11.14 7.68 25.16
CA ASP A 398 -10.79 7.72 26.58
C ASP A 398 -9.41 7.08 26.75
N LEU A 399 -8.37 7.83 26.39
CA LEU A 399 -7.01 7.30 26.45
C LEU A 399 -6.65 6.86 27.87
N ALA A 400 -6.96 7.68 28.87
CA ALA A 400 -6.65 7.31 30.25
C ALA A 400 -7.29 5.97 30.61
N GLN A 401 -8.56 5.78 30.26
CA GLN A 401 -9.22 4.50 30.56
C GLN A 401 -8.59 3.35 29.77
N ALA A 402 -8.27 3.58 28.49
CA ALA A 402 -7.60 2.55 27.72
C ALA A 402 -6.29 2.13 28.36
N ASN A 403 -5.48 3.11 28.80
CA ASN A 403 -4.19 2.79 29.40
C ASN A 403 -4.36 2.03 30.71
N GLN A 404 -5.39 2.37 31.49
CA GLN A 404 -5.62 1.66 32.73
C GLN A 404 -6.00 0.21 32.48
N ILE A 405 -6.83 -0.05 31.48
CA ILE A 405 -7.17 -1.43 31.16
C ILE A 405 -5.92 -2.21 30.78
N LEU A 406 -5.11 -1.67 29.85
CA LEU A 406 -3.91 -2.38 29.44
C LEU A 406 -2.98 -2.63 30.63
N ASP A 407 -2.88 -1.66 31.56
CA ASP A 407 -2.11 -1.88 32.78
C ASP A 407 -2.69 -3.04 33.58
N ARG A 408 -4.01 -3.04 33.78
CA ARG A 408 -4.67 -4.09 34.55
C ARG A 408 -4.48 -5.47 33.90
N LEU A 409 -4.47 -5.54 32.56
CA LEU A 409 -4.20 -6.80 31.87
C LEU A 409 -2.74 -7.24 31.98
N GLY A 410 -1.87 -6.43 32.57
CA GLY A 410 -0.51 -6.85 32.81
C GLY A 410 0.48 -6.48 31.72
N LEU A 411 0.10 -5.64 30.78
CA LEU A 411 1.00 -5.14 29.74
C LEU A 411 1.67 -3.84 30.19
N THR A 412 2.36 -3.91 31.32
CA THR A 412 2.97 -2.74 31.94
C THR A 412 4.45 -2.58 31.65
N LYS A 413 5.11 -3.61 31.15
CA LYS A 413 6.50 -3.48 30.73
C LYS A 413 6.60 -2.61 29.47
N ARG A 414 7.75 -1.98 29.30
CA ARG A 414 7.94 -1.00 28.22
C ARG A 414 9.30 -1.23 27.59
N ASP A 415 9.37 -1.12 26.26
CA ASP A 415 10.65 -1.23 25.57
C ASP A 415 11.26 0.17 25.38
N SER A 416 12.45 0.23 24.76
CA SER A 416 13.18 1.50 24.72
C SER A 416 12.43 2.55 23.88
N ASP A 417 11.60 2.13 22.94
CA ASP A 417 10.83 3.07 22.15
C ASP A 417 9.54 3.52 22.83
N GLY A 418 9.25 3.04 24.04
CA GLY A 418 8.07 3.44 24.77
C GLY A 418 6.83 2.57 24.59
N TYR A 419 6.90 1.49 23.82
CA TYR A 419 5.72 0.64 23.66
C TYR A 419 5.59 -0.36 24.81
N ARG A 420 4.35 -0.74 25.10
CA ARG A 420 4.11 -1.86 26.01
C ARG A 420 4.68 -3.15 25.44
N THR A 421 5.10 -4.03 26.32
CA THR A 421 5.54 -5.37 25.92
C THR A 421 4.71 -6.42 26.67
N TYR A 422 4.72 -7.63 26.14
CA TYR A 422 4.15 -8.76 26.84
C TYR A 422 4.98 -9.05 28.09
N PRO A 423 4.38 -9.64 29.13
CA PRO A 423 5.15 -9.93 30.34
C PRO A 423 6.47 -10.64 30.07
N ASP A 424 6.51 -11.52 29.07
CA ASP A 424 7.69 -12.30 28.78
C ASP A 424 8.45 -11.80 27.54
N GLY A 425 8.29 -10.54 27.19
CA GLY A 425 9.03 -9.95 26.09
C GLY A 425 8.19 -9.80 24.83
N GLY A 426 8.63 -8.89 23.96
CA GLY A 426 7.96 -8.68 22.70
C GLY A 426 6.98 -7.53 22.71
N ARG A 427 7.08 -6.65 21.72
CA ARG A 427 6.24 -5.47 21.66
C ARG A 427 4.79 -5.85 21.38
N VAL A 428 3.86 -5.13 22.01
CA VAL A 428 2.44 -5.39 21.76
C VAL A 428 2.11 -4.78 20.41
N SER A 429 1.93 -5.64 19.41
CA SER A 429 1.96 -5.23 18.01
C SER A 429 0.95 -6.04 17.22
N LEU A 430 0.12 -5.36 16.42
CA LEU A 430 -0.93 -5.99 15.63
C LEU A 430 -0.74 -5.68 14.15
N ASP A 431 -0.74 -6.73 13.30
CA ASP A 431 -0.64 -6.57 11.85
C ASP A 431 -2.03 -6.38 11.25
N ALA A 432 -2.22 -5.30 10.51
CA ALA A 432 -3.49 -5.01 9.86
C ALA A 432 -3.33 -5.13 8.34
N ILE A 433 -4.12 -5.98 7.72
CA ILE A 433 -4.09 -6.09 6.26
C ILE A 433 -5.12 -5.15 5.68
N VAL A 434 -4.75 -4.52 4.56
CA VAL A 434 -5.57 -3.51 3.90
C VAL A 434 -5.30 -3.61 2.40
N MET A 435 -6.31 -3.26 1.60
CA MET A 435 -6.15 -3.18 0.15
C MET A 435 -5.59 -1.81 -0.23
N ILE A 436 -4.46 -1.81 -0.94
CA ILE A 436 -3.68 -0.59 -1.12
C ILE A 436 -4.45 0.47 -1.92
N ASP A 437 -5.39 0.03 -2.75
CA ASP A 437 -6.16 0.96 -3.57
C ASP A 437 -7.24 1.70 -2.79
N ARG A 438 -7.48 1.33 -1.53
CA ARG A 438 -8.55 1.89 -0.72
C ARG A 438 -7.96 3.01 0.14
N GLN A 439 -7.94 4.22 -0.42
CA GLN A 439 -7.18 5.32 0.17
C GLN A 439 -7.71 5.69 1.55
N ALA A 440 -9.03 5.80 1.69
CA ALA A 440 -9.61 6.16 2.98
C ALA A 440 -9.31 5.11 4.03
N MET A 441 -9.29 3.84 3.65
CA MET A 441 -8.98 2.78 4.59
C MET A 441 -7.51 2.83 5.04
N VAL A 442 -6.58 2.99 4.08
CA VAL A 442 -5.17 3.12 4.46
C VAL A 442 -4.97 4.32 5.38
N GLN A 443 -5.55 5.46 5.00
CA GLN A 443 -5.46 6.67 5.81
C GLN A 443 -6.05 6.45 7.20
N THR A 444 -7.11 5.65 7.29
CA THR A 444 -7.69 5.32 8.58
C THR A 444 -6.70 4.54 9.44
N LEU A 445 -6.00 3.58 8.84
CA LEU A 445 -5.03 2.81 9.61
C LEU A 445 -3.85 3.67 10.03
N GLU A 446 -3.42 4.60 9.18
CA GLU A 446 -2.30 5.48 9.55
C GLU A 446 -2.67 6.35 10.74
N LEU A 447 -3.89 6.87 10.77
CA LEU A 447 -4.37 7.65 11.91
C LEU A 447 -4.50 6.78 13.16
N ILE A 448 -4.96 5.54 13.00
CA ILE A 448 -5.10 4.68 14.16
C ILE A 448 -3.73 4.31 14.72
N ARG A 449 -2.75 4.12 13.84
CA ARG A 449 -1.41 3.78 14.30
C ARG A 449 -0.89 4.86 15.26
N ARG A 450 -1.05 6.13 14.90
CA ARG A 450 -0.61 7.24 15.74
C ARG A 450 -1.42 7.31 17.03
N GLN A 451 -2.72 7.07 16.94
CA GLN A 451 -3.56 7.10 18.12
C GLN A 451 -3.18 5.99 19.08
N TRP A 452 -2.99 4.77 18.56
CA TRP A 452 -2.68 3.64 19.44
C TRP A 452 -1.27 3.72 19.99
N GLN A 453 -0.36 4.46 19.34
CA GLN A 453 0.94 4.68 19.94
C GLN A 453 0.81 5.40 21.29
N LYS A 454 -0.17 6.30 21.42
CA LYS A 454 -0.39 6.92 22.72
C LYS A 454 -0.81 5.93 23.79
N ALA A 455 -1.34 4.77 23.40
CA ALA A 455 -1.67 3.72 24.35
C ALA A 455 -0.58 2.66 24.46
N GLY A 456 0.60 2.93 23.89
CA GLY A 456 1.70 1.97 23.89
C GLY A 456 1.49 0.72 23.04
N VAL A 457 0.64 0.80 22.02
CA VAL A 457 0.33 -0.32 21.15
C VAL A 457 0.79 0.00 19.73
N GLU A 458 1.41 -0.97 19.06
CA GLU A 458 1.93 -0.77 17.72
C GLU A 458 0.99 -1.43 16.71
N LEU A 459 0.54 -0.65 15.73
CA LEU A 459 -0.19 -1.17 14.59
C LEU A 459 0.75 -1.18 13.38
N VAL A 460 0.78 -2.29 12.64
CA VAL A 460 1.69 -2.48 11.50
C VAL A 460 0.85 -2.65 10.24
N ILE A 461 0.97 -1.70 9.32
CA ILE A 461 0.16 -1.72 8.10
C ILE A 461 0.81 -2.64 7.07
N LYS A 462 0.03 -3.59 6.55
CA LYS A 462 0.47 -4.50 5.48
C LYS A 462 -0.53 -4.40 4.32
N GLY A 463 -0.13 -3.69 3.26
CA GLY A 463 -1.00 -3.41 2.15
C GLY A 463 -0.70 -4.31 0.96
N SER A 464 -1.75 -4.70 0.25
CA SER A 464 -1.61 -5.51 -0.96
C SER A 464 -2.80 -5.23 -1.86
N GLU A 465 -2.74 -5.81 -3.06
CA GLU A 465 -3.90 -5.77 -3.93
C GLU A 465 -4.93 -6.80 -3.44
N ARG A 466 -6.09 -6.81 -4.09
CA ARG A 466 -7.25 -7.54 -3.56
C ARG A 466 -6.97 -9.04 -3.42
N SER A 467 -6.30 -9.65 -4.41
CA SER A 467 -6.10 -11.09 -4.40
C SER A 467 -5.32 -11.55 -3.17
N LEU A 468 -4.14 -10.97 -2.94
CA LEU A 468 -3.33 -11.37 -1.79
C LEU A 468 -4.03 -11.03 -0.48
N PHE A 469 -4.77 -9.94 -0.46
CA PHE A 469 -5.54 -9.55 0.73
C PHE A 469 -6.55 -10.63 1.12
N TYR A 470 -7.29 -11.16 0.14
CA TYR A 470 -8.18 -12.29 0.41
C TYR A 470 -7.40 -13.56 0.72
N ASN A 471 -6.27 -13.77 0.04
CA ASN A 471 -5.44 -14.96 0.27
C ASN A 471 -4.89 -14.97 1.70
N ARG A 472 -4.46 -13.82 2.20
CA ARG A 472 -3.92 -13.75 3.55
C ARG A 472 -5.01 -14.03 4.58
N ALA A 473 -6.20 -13.48 4.36
CA ALA A 473 -7.31 -13.74 5.28
C ALA A 473 -7.64 -15.22 5.35
N THR A 474 -7.84 -15.88 4.19
CA THR A 474 -8.20 -17.29 4.23
C THR A 474 -7.08 -18.13 4.83
N ALA A 475 -5.82 -17.69 4.70
CA ALA A 475 -4.69 -18.33 5.38
C ALA A 475 -4.67 -18.09 6.87
N ASN A 476 -5.59 -17.29 7.41
CA ASN A 476 -5.57 -16.94 8.82
C ASN A 476 -4.30 -16.17 9.19
N ASP A 477 -3.76 -15.41 8.25
N ASP A 477 -3.73 -15.45 8.23
CA ASP A 477 -2.48 -14.72 8.40
CA ASP A 477 -2.47 -14.73 8.41
C ASP A 477 -2.71 -13.22 8.55
C ASP A 477 -2.75 -13.23 8.54
N TYR A 478 -3.31 -12.85 9.69
CA TYR A 478 -3.55 -11.44 9.99
C TYR A 478 -3.95 -11.33 11.46
N ASP A 479 -3.75 -10.15 12.03
CA ASP A 479 -4.28 -9.80 13.34
C ASP A 479 -5.52 -8.93 13.25
N ILE A 480 -5.51 -8.03 12.26
CA ILE A 480 -6.62 -7.15 11.94
C ILE A 480 -6.77 -7.12 10.43
N SER A 481 -8.02 -7.11 9.95
CA SER A 481 -8.32 -6.82 8.55
C SER A 481 -9.30 -5.65 8.55
N ILE A 482 -9.08 -4.66 7.68
CA ILE A 482 -9.97 -3.50 7.57
C ILE A 482 -10.81 -3.60 6.30
N ASP A 483 -12.11 -3.47 6.45
CA ASP A 483 -13.10 -3.44 5.36
C ASP A 483 -14.44 -3.06 5.99
N VAL A 484 -15.48 -2.96 5.16
CA VAL A 484 -16.77 -2.50 5.68
C VAL A 484 -17.35 -3.50 6.66
N PHE A 485 -18.19 -3.01 7.60
CA PHE A 485 -19.12 -3.81 8.38
C PHE A 485 -20.49 -3.65 7.75
N PRO A 486 -21.05 -4.65 7.05
CA PRO A 486 -22.45 -4.55 6.63
C PRO A 486 -23.37 -4.58 7.85
N GLY A 487 -24.55 -4.03 7.67
CA GLY A 487 -25.62 -4.28 8.63
C GLY A 487 -26.45 -3.07 8.96
N GLY A 488 -26.02 -1.89 8.50
CA GLY A 488 -26.79 -0.69 8.75
C GLY A 488 -28.23 -0.82 8.28
N LEU A 489 -28.40 -1.35 7.07
CA LEU A 489 -29.71 -1.62 6.49
C LEU A 489 -29.93 -3.07 6.11
N ASP A 490 -28.86 -3.87 5.99
CA ASP A 490 -28.91 -5.19 5.38
C ASP A 490 -28.48 -6.29 6.34
N ALA A 491 -28.82 -6.15 7.63
CA ALA A 491 -28.23 -7.02 8.64
C ALA A 491 -28.59 -8.49 8.43
N THR A 492 -29.85 -8.80 8.10
CA THR A 492 -30.20 -10.22 7.93
C THR A 492 -29.74 -10.77 6.58
N LEU A 493 -29.63 -9.92 5.55
CA LEU A 493 -29.05 -10.38 4.29
C LEU A 493 -27.56 -10.64 4.43
N ASN A 494 -26.88 -9.93 5.35
CA ASN A 494 -25.43 -9.76 5.29
C ASN A 494 -24.89 -9.72 6.72
N PRO A 495 -25.00 -10.84 7.45
CA PRO A 495 -24.77 -10.81 8.90
C PRO A 495 -23.33 -11.07 9.32
N ARG A 496 -22.40 -10.96 8.36
CA ARG A 496 -21.00 -11.34 8.58
C ARG A 496 -20.39 -10.75 9.86
N ALA A 497 -20.76 -9.52 10.23
CA ALA A 497 -20.08 -8.88 11.36
C ALA A 497 -20.58 -9.36 12.72
N TYR A 498 -21.67 -10.12 12.76
CA TYR A 498 -22.33 -10.47 14.02
C TYR A 498 -22.17 -11.93 14.40
N VAL A 499 -21.95 -12.79 13.41
CA VAL A 499 -21.81 -14.23 13.62
C VAL A 499 -21.00 -14.75 12.44
N ALA A 500 -20.04 -15.63 12.73
CA ALA A 500 -19.01 -16.02 11.76
C ALA A 500 -19.55 -17.05 10.77
N VAL A 501 -20.38 -16.57 9.84
CA VAL A 501 -20.97 -17.46 8.83
C VAL A 501 -20.49 -17.16 7.43
N HIS A 502 -19.74 -16.08 7.20
CA HIS A 502 -19.30 -15.79 5.85
C HIS A 502 -17.89 -16.35 5.65
N PRO A 503 -17.68 -17.27 4.71
CA PRO A 503 -16.42 -18.01 4.65
C PRO A 503 -15.23 -17.14 4.32
N LEU A 504 -15.43 -15.97 3.71
CA LEU A 504 -14.34 -15.08 3.34
C LEU A 504 -14.35 -13.75 4.07
N GLU A 505 -15.46 -13.36 4.69
CA GLU A 505 -15.62 -12.01 5.21
C GLU A 505 -15.92 -11.93 6.70
N SER A 506 -16.25 -13.03 7.39
CA SER A 506 -16.42 -13.01 8.84
C SER A 506 -15.06 -13.15 9.52
N ARG A 507 -14.30 -12.07 9.44
CA ARG A 507 -12.87 -12.15 9.76
C ARG A 507 -12.57 -11.91 11.25
N MET A 508 -13.59 -11.97 12.13
CA MET A 508 -13.25 -12.22 13.53
C MET A 508 -12.65 -13.61 13.67
N SER A 509 -12.89 -14.48 12.69
CA SER A 509 -12.12 -15.69 12.46
C SER A 509 -12.71 -16.50 11.30
N LEU A 510 -11.96 -16.61 10.20
CA LEU A 510 -12.43 -17.46 9.11
C LEU A 510 -12.25 -18.94 9.41
N GLU A 511 -11.42 -19.28 10.39
CA GLU A 511 -11.37 -20.66 10.86
C GLU A 511 -12.62 -21.01 11.64
N TRP A 512 -13.14 -20.05 12.43
CA TRP A 512 -14.44 -20.23 13.06
C TRP A 512 -15.52 -20.45 12.02
N ALA A 513 -15.57 -19.58 11.01
CA ALA A 513 -16.54 -19.74 9.92
C ALA A 513 -16.37 -21.10 9.24
N LYS A 514 -15.14 -21.48 8.95
CA LYS A 514 -14.91 -22.79 8.33
C LYS A 514 -15.48 -23.91 9.21
N TRP A 515 -15.29 -23.80 10.53
CA TRP A 515 -15.89 -24.77 11.45
C TRP A 515 -17.41 -24.80 11.30
N TYR A 516 -18.05 -23.63 11.30
CA TYR A 516 -19.51 -23.58 11.15
C TYR A 516 -19.94 -24.18 9.82
N LEU A 517 -19.27 -23.80 8.73
CA LEU A 517 -19.75 -24.18 7.40
C LEU A 517 -19.49 -25.64 7.07
N SER A 518 -18.64 -26.33 7.83
CA SER A 518 -18.36 -27.74 7.62
C SER A 518 -19.04 -28.63 8.66
N GLY A 519 -19.93 -28.08 9.47
CA GLY A 519 -20.53 -28.83 10.55
C GLY A 519 -19.53 -29.24 11.61
N GLY A 520 -18.55 -28.39 11.90
CA GLY A 520 -17.53 -28.71 12.86
C GLY A 520 -16.56 -29.78 12.43
N LYS A 521 -16.40 -30.02 11.14
CA LYS A 521 -15.48 -31.04 10.68
C LYS A 521 -14.12 -30.47 10.30
N GLN A 522 -14.06 -29.20 9.91
CA GLN A 522 -12.82 -28.49 9.62
C GLN A 522 -12.76 -27.23 10.48
N GLY A 523 -11.66 -26.48 10.33
CA GLY A 523 -11.55 -25.20 11.01
C GLY A 523 -11.26 -25.34 12.49
N ILE A 524 -11.62 -24.28 13.22
CA ILE A 524 -11.32 -24.16 14.64
C ILE A 524 -12.62 -23.95 15.39
N GLU A 525 -12.87 -24.78 16.40
CA GLU A 525 -14.11 -24.68 17.16
C GLU A 525 -14.17 -23.32 17.85
N PRO A 526 -15.25 -22.55 17.69
CA PRO A 526 -15.31 -21.20 18.24
C PRO A 526 -15.62 -21.23 19.74
N ASN A 527 -15.51 -20.06 20.38
CA ASN A 527 -15.81 -19.99 21.81
C ASN A 527 -17.32 -20.12 22.03
N GLU A 528 -17.71 -20.18 23.29
CA GLU A 528 -19.10 -20.50 23.62
C GLU A 528 -20.07 -19.45 23.08
N SER A 529 -19.70 -18.17 23.17
CA SER A 529 -20.60 -17.12 22.69
C SER A 529 -20.83 -17.22 21.18
N MET A 530 -19.82 -17.65 20.43
CA MET A 530 -20.02 -17.78 18.98
C MET A 530 -20.78 -19.05 18.62
N LYS A 531 -20.46 -20.17 19.25
CA LYS A 531 -21.26 -21.38 19.03
C LYS A 531 -22.72 -21.13 19.38
N LYS A 532 -22.98 -20.34 20.42
CA LYS A 532 -24.35 -19.98 20.78
C LYS A 532 -25.01 -19.15 19.67
N ARG A 533 -24.31 -18.13 19.16
CA ARG A 533 -24.87 -17.32 18.08
C ARG A 533 -25.07 -18.13 16.80
N MET A 534 -24.18 -19.09 16.54
CA MET A 534 -24.36 -19.92 15.34
C MET A 534 -25.59 -20.80 15.47
N ALA A 535 -25.81 -21.38 16.64
CA ALA A 535 -27.01 -22.20 16.84
C ALA A 535 -28.27 -21.35 16.72
N LEU A 536 -28.23 -20.13 17.25
CA LEU A 536 -29.36 -19.21 17.10
C LEU A 536 -29.55 -18.80 15.65
N TYR A 537 -28.45 -18.62 14.93
CA TYR A 537 -28.56 -18.26 13.53
C TYR A 537 -29.25 -19.36 12.72
N ASP A 538 -28.92 -20.62 13.00
CA ASP A 538 -29.60 -21.72 12.32
C ASP A 538 -31.08 -21.75 12.69
N GLN A 539 -31.40 -21.45 13.94
CA GLN A 539 -32.81 -21.36 14.31
C GLN A 539 -33.49 -20.20 13.61
N PHE A 540 -32.79 -19.08 13.45
CA PHE A 540 -33.37 -17.92 12.79
C PHE A 540 -33.66 -18.19 11.32
N VAL A 541 -32.69 -18.76 10.60
CA VAL A 541 -32.92 -19.04 9.18
C VAL A 541 -34.12 -19.96 9.00
N ALA A 542 -34.31 -20.90 9.93
CA ALA A 542 -35.39 -21.88 9.87
C ALA A 542 -36.64 -21.45 10.63
N ALA A 543 -36.74 -20.18 11.00
CA ALA A 543 -37.85 -19.76 11.86
C ALA A 543 -39.19 -19.98 11.17
N LYS A 544 -40.17 -20.46 11.93
CA LYS A 544 -41.50 -20.67 11.37
C LYS A 544 -42.31 -19.37 11.31
N THR A 545 -42.02 -18.42 12.19
CA THR A 545 -42.79 -17.19 12.28
C THR A 545 -41.88 -15.99 12.27
N GLN A 546 -42.43 -14.85 11.82
CA GLN A 546 -41.68 -13.60 11.86
C GLN A 546 -41.35 -13.19 13.30
N SER A 547 -42.25 -13.47 14.24
CA SER A 547 -41.96 -13.08 15.62
C SER A 547 -40.82 -13.91 16.20
N GLN A 548 -40.77 -15.22 15.88
CA GLN A 548 -39.64 -16.04 16.31
C GLN A 548 -38.35 -15.55 15.67
N ALA A 549 -38.40 -15.20 14.38
CA ALA A 549 -37.19 -14.73 13.69
C ALA A 549 -36.70 -13.41 14.29
N LEU A 550 -37.65 -12.53 14.64
CA LEU A 550 -37.27 -11.26 15.26
C LEU A 550 -36.59 -11.51 16.60
N SER A 551 -37.19 -12.37 17.42
CA SER A 551 -36.62 -12.69 18.72
C SER A 551 -35.23 -13.30 18.58
N LEU A 552 -35.07 -14.26 17.68
CA LEU A 552 -33.80 -14.97 17.57
C LEU A 552 -32.68 -14.06 17.10
N PHE A 553 -32.94 -13.25 16.07
CA PHE A 553 -31.87 -12.43 15.51
C PHE A 553 -31.51 -11.29 16.45
N LYS A 554 -32.49 -10.79 17.20
CA LYS A 554 -32.17 -9.80 18.23
C LYS A 554 -31.27 -10.39 19.31
N GLN A 555 -31.45 -11.68 19.63
CA GLN A 555 -30.53 -12.35 20.55
C GLN A 555 -29.11 -12.36 20.00
N ILE A 556 -28.96 -12.62 18.69
CA ILE A 556 -27.63 -12.67 18.09
C ILE A 556 -26.95 -11.32 18.22
N LEU A 557 -27.65 -10.26 17.83
CA LEU A 557 -27.07 -8.92 17.89
C LEU A 557 -26.66 -8.55 19.33
N GLN A 558 -27.47 -8.91 20.33
CA GLN A 558 -27.13 -8.60 21.71
C GLN A 558 -25.89 -9.34 22.16
N ILE A 559 -25.77 -10.63 21.83
CA ILE A 559 -24.54 -11.35 22.15
C ILE A 559 -23.36 -10.70 21.44
N SER A 560 -23.53 -10.34 20.16
CA SER A 560 -22.45 -9.67 19.45
C SER A 560 -22.05 -8.39 20.16
N ALA A 561 -23.03 -7.65 20.70
CA ALA A 561 -22.70 -6.42 21.42
C ALA A 561 -21.92 -6.72 22.70
N ASP A 562 -22.42 -7.68 23.47
CA ASP A 562 -21.72 -8.09 24.69
C ASP A 562 -20.26 -8.44 24.42
N GLU A 563 -20.00 -9.16 23.32
CA GLU A 563 -18.66 -9.66 23.05
C GLU A 563 -17.72 -8.58 22.53
N PHE A 564 -18.21 -7.66 21.70
CA PHE A 564 -17.42 -6.59 21.10
C PHE A 564 -16.17 -7.15 20.41
N GLU A 565 -16.45 -7.90 19.33
CA GLU A 565 -15.39 -8.58 18.59
C GLU A 565 -14.80 -7.76 17.46
N VAL A 566 -15.54 -6.79 16.93
CA VAL A 566 -15.07 -5.99 15.80
C VAL A 566 -15.29 -4.52 16.13
N ILE A 567 -14.35 -3.68 15.71
CA ILE A 567 -14.28 -2.28 16.14
C ILE A 567 -14.54 -1.39 14.94
N GLY A 568 -15.63 -0.60 15.00
CA GLY A 568 -15.94 0.31 13.91
C GLY A 568 -15.16 1.63 14.02
N THR A 569 -14.97 2.30 12.87
CA THR A 569 -14.44 3.66 12.88
C THR A 569 -15.58 4.66 12.68
N VAL A 570 -16.15 4.72 11.48
CA VAL A 570 -17.24 5.63 11.16
C VAL A 570 -18.26 4.94 10.25
N ARG A 571 -19.53 5.22 10.48
CA ARG A 571 -20.55 4.85 9.50
C ARG A 571 -20.37 5.71 8.24
N PRO A 572 -20.80 5.20 7.09
CA PRO A 572 -20.42 5.84 5.82
C PRO A 572 -20.99 7.24 5.71
N ALA A 573 -20.23 8.11 5.07
CA ALA A 573 -20.82 9.33 4.53
C ALA A 573 -21.75 8.96 3.38
N VAL A 574 -22.49 9.97 2.88
CA VAL A 574 -23.26 9.76 1.66
C VAL A 574 -22.34 9.21 0.57
N ILE A 575 -22.83 8.24 -0.20
CA ILE A 575 -22.11 7.70 -1.34
C ILE A 575 -22.24 8.65 -2.53
N SER A 576 -21.11 9.03 -3.12
CA SER A 576 -21.06 9.96 -4.25
C SER A 576 -20.99 9.15 -5.54
N SER A 577 -22.08 9.15 -6.30
CA SER A 577 -22.16 8.46 -7.59
C SER A 577 -22.34 9.49 -8.69
N LEU A 578 -22.13 9.07 -9.95
CA LEU A 578 -22.32 9.98 -11.07
C LEU A 578 -22.87 9.24 -12.28
N HIS A 579 -23.56 9.98 -13.12
CA HIS A 579 -23.95 9.46 -14.42
C HIS A 579 -23.99 10.62 -15.41
N SER A 580 -23.79 10.29 -16.68
CA SER A 580 -23.84 11.28 -17.73
C SER A 580 -25.20 11.94 -17.78
N LEU A 581 -25.21 13.25 -18.04
CA LEU A 581 -26.47 13.95 -18.25
C LEU A 581 -27.28 13.32 -19.37
N LYS A 582 -26.62 12.71 -20.35
CA LYS A 582 -27.31 12.08 -21.46
C LYS A 582 -27.91 10.73 -21.09
N LEU A 583 -27.47 10.12 -19.99
CA LEU A 583 -27.92 8.78 -19.62
C LEU A 583 -29.19 8.90 -18.80
N GLN A 584 -30.26 8.27 -19.28
CA GLN A 584 -31.59 8.39 -18.71
C GLN A 584 -31.97 7.12 -17.95
N ASN A 585 -32.94 7.26 -17.04
CA ASN A 585 -33.55 6.15 -16.32
C ASN A 585 -32.66 5.56 -15.23
N VAL A 586 -31.66 6.30 -14.75
CA VAL A 586 -30.90 5.86 -13.57
C VAL A 586 -31.69 6.26 -12.34
N ASN A 587 -31.93 5.30 -11.45
CA ASN A 587 -32.66 5.57 -10.21
C ASN A 587 -31.71 6.24 -9.23
N GLU A 588 -31.73 7.58 -9.21
CA GLU A 588 -30.88 8.32 -8.30
C GLU A 588 -31.26 8.16 -6.82
N LYS A 589 -32.36 7.45 -6.51
CA LYS A 589 -32.78 7.26 -5.12
C LYS A 589 -32.41 5.89 -4.56
N MET A 590 -31.81 5.01 -5.36
CA MET A 590 -31.59 3.65 -4.90
C MET A 590 -30.56 3.62 -3.76
N PRO A 591 -30.71 2.69 -2.83
CA PRO A 591 -29.68 2.48 -1.81
C PRO A 591 -28.42 1.91 -2.45
N PHE A 592 -27.34 1.93 -1.67
CA PHE A 592 -26.06 1.37 -2.11
C PHE A 592 -25.75 0.11 -1.32
N GLY A 593 -25.30 -0.94 -2.02
CA GLY A 593 -24.88 -2.13 -1.32
C GLY A 593 -24.74 -3.40 -2.14
N TRP A 594 -23.88 -4.30 -1.64
CA TRP A 594 -23.62 -5.59 -2.31
C TRP A 594 -24.85 -6.50 -2.44
N PRO A 595 -25.69 -6.69 -1.42
CA PRO A 595 -26.83 -7.63 -1.57
C PRO A 595 -27.81 -7.21 -2.64
N TYR A 596 -27.81 -5.94 -3.04
CA TYR A 596 -28.62 -5.44 -4.14
C TYR A 596 -27.82 -5.24 -5.42
N ALA A 597 -26.53 -5.59 -5.43
CA ALA A 597 -25.67 -5.51 -6.64
C ALA A 597 -25.64 -4.12 -7.26
N THR A 598 -25.70 -3.08 -6.45
CA THR A 598 -25.78 -1.73 -7.00
C THR A 598 -24.47 -1.39 -7.75
N PRO A 599 -24.56 -0.60 -8.83
CA PRO A 599 -25.77 0.08 -9.32
C PRO A 599 -26.75 -0.73 -10.17
N SER A 600 -26.57 -2.03 -10.36
CA SER A 600 -27.44 -2.76 -11.28
C SER A 600 -28.85 -2.96 -10.73
N LEU A 601 -29.05 -2.67 -9.44
CA LEU A 601 -30.40 -2.60 -8.89
C LEU A 601 -31.30 -1.73 -9.75
N SER A 602 -30.74 -0.65 -10.33
CA SER A 602 -31.55 0.29 -11.11
C SER A 602 -31.97 -0.29 -12.53
N LEU A 603 -31.77 -1.58 -12.81
CA LEU A 603 -32.18 -2.20 -14.07
C LEU A 603 -31.43 -1.56 -15.24
N PRO A 604 -30.15 -1.87 -15.41
CA PRO A 604 -29.38 -1.21 -16.49
C PRO A 604 -29.92 -1.50 -17.88
N GLN A 605 -30.61 -2.62 -18.07
CA GLN A 605 -31.19 -2.90 -19.37
C GLN A 605 -32.19 -1.83 -19.82
N GLN A 606 -32.65 -0.94 -18.93
CA GLN A 606 -33.54 0.13 -19.35
C GLN A 606 -32.92 1.52 -19.23
N TRP A 607 -31.62 1.61 -18.91
CA TRP A 607 -30.90 2.86 -19.13
C TRP A 607 -30.87 3.15 -20.62
N TYR A 608 -30.91 4.43 -20.98
CA TYR A 608 -30.71 4.77 -22.39
C TYR A 608 -30.14 6.17 -22.52
N PHE A 609 -29.60 6.44 -23.70
CA PHE A 609 -29.03 7.74 -24.03
C PHE A 609 -30.05 8.58 -24.78
N SER A 610 -30.22 9.83 -24.37
CA SER A 610 -31.00 10.77 -25.14
C SER A 610 -30.09 11.52 -26.11
N ALA B 2 32.29 42.65 19.10
CA ALA B 2 32.93 41.91 18.00
C ALA B 2 31.91 41.22 17.08
N PHE B 3 31.33 40.13 17.55
CA PHE B 3 30.24 39.47 16.86
C PHE B 3 28.92 39.90 17.47
N THR B 4 27.82 39.57 16.79
CA THR B 4 26.49 39.90 17.29
C THR B 4 25.63 38.65 17.27
N GLN B 5 24.50 38.71 17.96
CA GLN B 5 23.66 37.53 18.12
C GLN B 5 22.21 37.88 17.79
N ALA B 6 21.42 36.82 17.62
CA ALA B 6 20.00 36.97 17.32
C ALA B 6 19.29 37.69 18.47
N PRO B 7 18.45 38.68 18.18
CA PRO B 7 17.71 39.35 19.27
C PRO B 7 16.95 38.40 20.21
N MET B 8 16.40 37.29 19.72
CA MET B 8 15.68 36.39 20.63
C MET B 8 16.58 35.88 21.75
N LEU B 9 17.89 35.83 21.52
CA LEU B 9 18.82 35.35 22.54
C LEU B 9 18.98 36.33 23.69
N GLU B 10 18.63 37.60 23.51
CA GLU B 10 18.64 38.54 24.64
C GLU B 10 17.66 38.15 25.73
N GLN B 11 16.68 37.30 25.41
CA GLN B 11 15.66 36.90 26.37
C GLN B 11 16.15 35.87 27.37
N ASN B 12 17.32 35.30 27.16
CA ASN B 12 17.91 34.29 28.05
C ASN B 12 19.10 34.94 28.74
N LYS B 13 18.87 35.45 29.96
CA LYS B 13 19.90 36.21 30.65
C LYS B 13 21.03 35.33 31.18
N GLN B 14 20.88 34.00 31.18
CA GLN B 14 21.94 33.12 31.65
C GLN B 14 23.02 32.88 30.61
N LEU B 15 22.84 33.30 29.37
CA LEU B 15 23.83 32.98 28.35
C LEU B 15 25.05 33.88 28.48
N PRO B 16 26.26 33.33 28.39
CA PRO B 16 27.46 34.18 28.27
C PRO B 16 27.35 35.10 27.08
N PRO B 17 28.14 36.16 27.03
CA PRO B 17 28.18 37.01 25.83
C PRO B 17 28.58 36.19 24.61
N VAL B 18 28.15 36.66 23.43
CA VAL B 18 28.26 35.82 22.24
C VAL B 18 29.72 35.57 21.86
N ASP B 19 30.63 36.51 22.16
CA ASP B 19 32.04 36.27 21.83
C ASP B 19 32.59 35.08 22.60
N GLN B 20 32.02 34.79 23.78
CA GLN B 20 32.47 33.69 24.61
C GLN B 20 31.81 32.36 24.22
N ARG B 21 30.69 32.42 23.52
CA ARG B 21 30.00 31.22 23.09
C ARG B 21 30.54 30.71 21.76
N LEU B 22 31.03 31.61 20.91
CA LEU B 22 31.61 31.27 19.61
C LEU B 22 33.03 30.75 19.78
N PRO B 23 33.55 30.06 18.76
CA PRO B 23 35.00 29.82 18.69
C PRO B 23 35.76 31.14 18.63
N GLU B 24 37.05 31.07 18.96
CA GLU B 24 37.91 32.23 18.74
C GLU B 24 37.81 32.73 17.30
N LYS B 25 37.94 31.80 16.35
CA LYS B 25 37.75 32.06 14.93
C LYS B 25 36.57 31.24 14.43
N PRO B 26 35.37 31.82 14.41
CA PRO B 26 34.21 31.09 13.88
C PRO B 26 34.37 30.84 12.39
N LEU B 27 33.70 29.81 11.91
CA LEU B 27 33.69 29.58 10.46
C LEU B 27 32.83 30.67 9.82
N VAL B 28 33.40 31.45 8.91
CA VAL B 28 32.65 32.50 8.25
C VAL B 28 31.98 31.90 7.02
N ILE B 29 30.65 32.01 6.97
CA ILE B 29 29.86 31.46 5.88
C ILE B 29 29.51 32.59 4.92
N LYS B 30 29.94 32.47 3.67
CA LYS B 30 29.53 33.46 2.68
C LYS B 30 28.15 33.10 2.14
N PRO B 31 27.19 34.02 2.15
CA PRO B 31 25.82 33.66 1.75
C PRO B 31 25.74 33.30 0.28
N ILE B 32 24.67 32.54 -0.04
CA ILE B 32 24.42 32.17 -1.43
C ILE B 32 24.14 33.41 -2.26
N ALA B 33 23.39 34.38 -1.71
CA ALA B 33 22.96 35.52 -2.51
C ALA B 33 23.10 36.86 -1.80
N SER B 34 22.75 36.92 -0.52
CA SER B 34 22.77 38.21 0.14
C SER B 34 22.90 38.02 1.65
N ASN B 35 23.49 39.03 2.30
CA ASN B 35 23.58 39.02 3.76
C ASN B 35 22.18 39.07 4.36
N GLY B 36 21.96 38.27 5.40
CA GLY B 36 20.62 38.05 5.93
C GLY B 36 20.33 38.82 7.20
N VAL B 37 19.08 38.69 7.65
CA VAL B 37 18.62 39.30 8.90
C VAL B 37 17.97 38.20 9.73
N TYR B 38 17.90 38.45 11.04
CA TYR B 38 17.48 37.45 12.01
C TYR B 38 15.97 37.29 12.06
N GLY B 39 15.53 36.10 12.44
CA GLY B 39 14.14 35.93 12.81
C GLY B 39 13.38 34.88 12.03
N GLY B 40 12.25 34.45 12.60
CA GLY B 40 11.26 33.69 11.86
C GLY B 40 11.32 32.21 12.17
N THR B 41 10.31 31.50 11.65
CA THR B 41 10.16 30.06 11.82
C THR B 41 10.09 29.42 10.45
N LEU B 42 10.94 28.43 10.22
CA LEU B 42 10.98 27.71 8.95
C LEU B 42 9.95 26.58 9.01
N ARG B 43 8.93 26.67 8.18
CA ARG B 43 7.87 25.64 8.16
C ARG B 43 8.19 24.62 7.07
N THR B 44 8.35 23.36 7.46
CA THR B 44 8.56 22.28 6.50
C THR B 44 7.80 21.06 6.99
N VAL B 45 8.18 19.87 6.51
CA VAL B 45 7.31 18.70 6.62
C VAL B 45 8.14 17.43 6.65
N MET B 46 7.72 16.48 7.48
CA MET B 46 8.21 15.11 7.43
C MET B 46 7.01 14.16 7.53
N ARG B 47 7.25 12.88 7.26
CA ARG B 47 6.25 11.83 7.40
C ARG B 47 6.33 11.20 8.79
N GLY B 48 5.23 10.55 9.19
CA GLY B 48 5.14 10.03 10.53
C GLY B 48 5.93 8.77 10.81
N ASN B 49 6.41 8.08 9.78
CA ASN B 49 7.00 6.74 9.94
C ASN B 49 8.47 6.77 9.56
N ALA B 50 9.34 6.83 10.57
CA ALA B 50 10.77 6.59 10.38
C ALA B 50 11.38 7.57 9.38
N ASP B 51 10.99 8.84 9.49
CA ASP B 51 11.40 9.89 8.56
C ASP B 51 12.32 10.91 9.23
N GLY B 52 13.10 10.47 10.23
CA GLY B 52 14.04 11.35 10.88
C GLY B 52 15.13 11.88 9.97
N ASN B 53 15.43 11.19 8.86
CA ASN B 53 16.38 11.75 7.91
C ASN B 53 15.85 13.05 7.30
N GLY B 54 14.55 13.32 7.41
CA GLY B 54 14.04 14.59 6.94
C GLY B 54 14.55 15.76 7.78
N ILE B 55 14.72 15.55 9.08
CA ILE B 55 15.36 16.57 9.91
C ILE B 55 16.84 16.70 9.55
N LEU B 56 17.54 15.57 9.44
CA LEU B 56 18.95 15.60 9.08
C LEU B 56 19.19 16.30 7.76
N ARG B 57 18.32 16.10 6.78
CA ARG B 57 18.48 16.72 5.46
C ARG B 57 17.92 18.13 5.41
N THR B 58 17.30 18.59 6.49
CA THR B 58 16.89 19.99 6.61
C THR B 58 17.97 20.83 7.27
N ILE B 59 18.52 20.37 8.40
CA ILE B 59 19.48 21.18 9.14
C ILE B 59 20.92 20.91 8.71
N GLY B 60 21.22 19.72 8.18
CA GLY B 60 22.55 19.45 7.68
C GLY B 60 23.39 18.65 8.65
N PRO B 61 23.99 17.57 8.16
CA PRO B 61 25.08 16.93 8.92
C PRO B 61 26.22 17.92 9.13
N GLN B 62 26.68 18.03 10.38
CA GLN B 62 27.82 18.91 10.69
C GLN B 62 29.09 18.07 10.77
N GLY B 63 29.67 17.76 9.59
CA GLY B 63 30.82 16.89 9.52
C GLY B 63 32.14 17.67 9.50
N LEU B 64 33.25 16.91 9.57
CA LEU B 64 34.58 17.52 9.54
C LEU B 64 34.83 18.29 8.24
N THR B 65 34.23 17.84 7.13
CA THR B 65 34.26 18.53 5.85
C THR B 65 32.83 18.76 5.34
N HIS B 66 32.72 19.55 4.27
CA HIS B 66 31.41 19.87 3.70
C HIS B 66 31.58 20.06 2.21
N TRP B 67 30.58 19.58 1.45
CA TRP B 67 30.57 19.75 0.00
C TRP B 67 30.51 21.22 -0.38
N THR B 68 31.21 21.58 -1.45
CA THR B 68 30.96 22.84 -2.12
C THR B 68 29.60 22.80 -2.82
N GLN B 69 29.11 23.96 -3.24
CA GLN B 69 27.77 24.02 -3.81
C GLN B 69 27.67 23.24 -5.13
N ASP B 70 28.75 23.15 -5.89
CA ASP B 70 28.76 22.37 -7.12
C ASP B 70 29.15 20.91 -6.90
N ILE B 71 29.31 20.50 -5.64
CA ILE B 71 29.59 19.13 -5.20
C ILE B 71 30.79 18.51 -5.92
N GLN B 72 31.70 19.34 -6.45
CA GLN B 72 32.89 18.79 -7.07
C GLN B 72 34.01 18.52 -6.07
N THR B 73 34.01 19.21 -4.93
CA THR B 73 35.06 19.06 -3.92
C THR B 73 34.46 19.33 -2.54
N VAL B 74 35.28 19.16 -1.51
CA VAL B 74 34.89 19.46 -0.14
C VAL B 74 35.89 20.46 0.44
N GLU B 75 35.48 21.10 1.52
CA GLU B 75 36.30 22.07 2.24
C GLU B 75 36.23 21.72 3.73
N PRO B 76 37.22 22.17 4.51
CA PRO B 76 37.13 22.01 5.97
C PRO B 76 35.85 22.65 6.49
N TYR B 77 35.17 21.92 7.38
CA TYR B 77 33.89 22.38 7.92
C TYR B 77 33.98 22.50 9.44
N VAL B 78 33.66 21.44 10.19
CA VAL B 78 33.92 21.52 11.64
C VAL B 78 35.41 21.70 11.89
N ALA B 79 36.23 20.97 11.15
CA ALA B 79 37.67 21.18 11.21
C ALA B 79 38.01 22.53 10.61
N GLU B 80 38.89 23.26 11.29
CA GLU B 80 39.41 24.52 10.74
C GLU B 80 40.21 24.26 9.47
N SER B 81 41.02 23.20 9.49
CA SER B 81 41.88 22.82 8.37
C SER B 81 42.28 21.37 8.59
N TYR B 82 42.91 20.78 7.58
CA TYR B 82 43.49 19.47 7.76
C TYR B 82 44.64 19.30 6.78
N THR B 83 45.54 18.37 7.11
CA THR B 83 46.63 17.99 6.24
C THR B 83 46.50 16.50 5.91
N VAL B 84 47.06 16.13 4.76
CA VAL B 84 47.10 14.75 4.29
C VAL B 84 48.54 14.42 4.00
N SER B 85 49.02 13.29 4.50
CA SER B 85 50.36 12.86 4.15
C SER B 85 50.42 12.54 2.66
N PRO B 86 51.61 12.64 2.06
CA PRO B 86 51.68 12.42 0.60
C PRO B 86 51.16 11.08 0.14
N ASP B 87 51.25 10.03 0.96
CA ASP B 87 50.74 8.72 0.58
C ASP B 87 49.24 8.57 0.84
N ALA B 88 48.56 9.62 1.28
CA ALA B 88 47.12 9.60 1.48
C ALA B 88 46.70 8.68 2.62
N MET B 89 47.62 8.33 3.52
CA MET B 89 47.28 7.43 4.62
C MET B 89 47.01 8.14 5.95
N GLU B 90 47.53 9.35 6.15
CA GLU B 90 47.44 10.02 7.44
C GLU B 90 46.74 11.36 7.27
N TYR B 91 45.60 11.52 7.94
CA TYR B 91 44.81 12.75 7.93
C TYR B 91 44.87 13.38 9.31
N THR B 92 45.28 14.64 9.38
CA THR B 92 45.41 15.37 10.65
C THR B 92 44.50 16.59 10.60
N PHE B 93 43.49 16.60 11.48
CA PHE B 93 42.50 17.65 11.50
C PHE B 93 42.78 18.62 12.65
N LYS B 94 42.74 19.90 12.35
CA LYS B 94 42.86 20.95 13.36
C LYS B 94 41.49 21.51 13.65
N LEU B 95 41.14 21.57 14.93
CA LEU B 95 39.81 21.96 15.39
C LEU B 95 39.79 23.45 15.76
N ARG B 96 38.59 24.00 15.87
CA ARG B 96 38.42 25.43 16.13
C ARG B 96 38.51 25.68 17.63
N LYS B 97 39.53 26.41 18.06
CA LYS B 97 39.74 26.66 19.48
C LYS B 97 38.56 27.45 20.05
N GLY B 98 38.09 27.03 21.23
CA GLY B 98 36.96 27.68 21.86
C GLY B 98 35.59 27.19 21.42
N MET B 99 35.51 26.37 20.38
CA MET B 99 34.21 25.86 19.93
C MET B 99 33.53 25.07 21.04
N LYS B 100 32.19 25.13 21.07
CA LYS B 100 31.43 24.56 22.17
C LYS B 100 30.24 23.75 21.65
N TRP B 101 29.89 22.71 22.40
CA TRP B 101 28.64 21.98 22.19
C TRP B 101 27.44 22.85 22.53
N SER B 102 26.25 22.32 22.23
CA SER B 102 25.00 23.02 22.48
C SER B 102 24.76 23.32 23.95
N ASP B 103 25.40 22.58 24.87
CA ASP B 103 25.28 22.81 26.30
C ASP B 103 26.37 23.73 26.85
N GLY B 104 27.16 24.35 25.98
CA GLY B 104 28.18 25.29 26.40
C GLY B 104 29.50 24.69 26.81
N THR B 105 29.64 23.35 26.79
CA THR B 105 30.93 22.80 27.21
C THR B 105 31.87 22.67 26.00
N PRO B 106 33.17 22.45 26.24
CA PRO B 106 34.14 22.46 25.14
C PRO B 106 33.95 21.33 24.14
N PHE B 107 34.07 21.68 22.86
CA PHE B 107 34.19 20.73 21.76
C PHE B 107 35.67 20.63 21.41
N THR B 108 36.28 19.47 21.70
CA THR B 108 37.73 19.30 21.57
C THR B 108 38.03 17.97 20.90
N ALA B 109 39.33 17.66 20.77
CA ALA B 109 39.74 16.41 20.16
C ALA B 109 39.29 15.20 20.98
N ASP B 110 39.11 15.36 22.30
CA ASP B 110 38.65 14.25 23.11
C ASP B 110 37.30 13.72 22.62
N ASP B 111 36.44 14.61 22.10
CA ASP B 111 35.14 14.17 21.58
C ASP B 111 35.29 13.36 20.30
N ILE B 112 36.16 13.81 19.39
CA ILE B 112 36.34 13.06 18.15
C ILE B 112 37.02 11.73 18.44
N VAL B 113 37.98 11.72 19.37
CA VAL B 113 38.66 10.47 19.71
C VAL B 113 37.71 9.51 20.42
N PHE B 114 36.84 10.04 21.30
CA PHE B 114 35.80 9.22 21.90
C PHE B 114 34.87 8.64 20.84
N ALA B 115 34.30 9.51 19.98
CA ALA B 115 33.37 9.03 18.97
C ALA B 115 33.98 7.90 18.15
N MET B 116 35.26 8.02 17.79
CA MET B 116 35.87 6.98 16.97
C MET B 116 36.22 5.74 17.80
N ASN B 117 37.03 5.92 18.83
CA ASN B 117 37.64 4.78 19.51
C ASN B 117 36.66 4.05 20.43
N ASP B 118 35.73 4.77 21.06
CA ASP B 118 34.83 4.15 22.02
C ASP B 118 33.46 3.81 21.44
N VAL B 119 33.04 4.46 20.36
CA VAL B 119 31.74 4.17 19.76
C VAL B 119 31.91 3.51 18.39
N VAL B 120 32.37 4.27 17.40
CA VAL B 120 32.38 3.78 16.01
C VAL B 120 33.19 2.50 15.88
N LEU B 121 34.42 2.49 16.39
CA LEU B 121 35.33 1.36 16.24
C LEU B 121 35.15 0.31 17.34
N ASN B 122 34.17 0.47 18.20
CA ASN B 122 33.92 -0.49 19.26
C ASN B 122 33.04 -1.61 18.71
N LYS B 123 33.53 -2.85 18.77
CA LYS B 123 32.89 -3.97 18.08
C LYS B 123 31.62 -4.47 18.77
N GLU B 124 31.38 -4.10 20.03
CA GLU B 124 30.08 -4.40 20.64
C GLU B 124 29.03 -3.37 20.22
N MET B 125 29.40 -2.09 20.22
CA MET B 125 28.54 -1.07 19.65
C MET B 125 28.21 -1.41 18.19
N PHE B 126 29.24 -1.53 17.35
CA PHE B 126 29.08 -1.85 15.94
C PHE B 126 29.81 -3.15 15.63
N PRO B 127 29.13 -4.29 15.69
CA PRO B 127 29.77 -5.54 15.26
C PRO B 127 30.44 -5.42 13.90
N GLN B 128 29.80 -4.72 12.96
CA GLN B 128 30.41 -4.35 11.69
C GLN B 128 30.68 -2.85 11.72
N THR B 129 31.96 -2.49 11.71
CA THR B 129 32.31 -1.08 11.70
C THR B 129 31.71 -0.41 10.46
N PRO B 130 31.04 0.72 10.61
CA PRO B 130 30.50 1.44 9.44
C PRO B 130 31.59 1.66 8.41
N SER B 131 31.32 1.24 7.16
CA SER B 131 32.40 1.19 6.17
C SER B 131 32.93 2.56 5.76
N ALA B 132 32.28 3.65 6.19
CA ALA B 132 32.80 4.98 5.92
C ALA B 132 34.24 5.14 6.39
N TYR B 133 34.63 4.46 7.47
CA TYR B 133 35.93 4.68 8.09
C TYR B 133 36.92 3.54 7.81
N LEU B 134 36.59 2.64 6.87
CA LEU B 134 37.40 1.45 6.62
C LEU B 134 38.04 1.49 5.24
N VAL B 135 39.21 0.87 5.13
CA VAL B 135 39.88 0.61 3.85
C VAL B 135 40.10 -0.88 3.73
N GLY B 136 39.38 -1.53 2.81
CA GLY B 136 39.44 -2.97 2.69
C GLY B 136 39.14 -3.63 4.02
N GLY B 137 38.05 -3.20 4.66
CA GLY B 137 37.65 -3.74 5.93
C GLY B 137 38.55 -3.40 7.10
N LYS B 138 39.57 -2.58 6.91
CA LYS B 138 40.57 -2.27 7.93
C LYS B 138 40.35 -0.86 8.48
N ALA B 139 40.52 -0.72 9.79
CA ALA B 139 40.18 0.52 10.48
C ALA B 139 41.39 1.43 10.58
N PRO B 140 41.16 2.73 10.78
CA PRO B 140 42.25 3.65 11.05
C PRO B 140 42.57 3.69 12.54
N LYS B 141 43.82 4.06 12.83
CA LYS B 141 44.21 4.40 14.20
C LYS B 141 43.90 5.86 14.41
N VAL B 142 43.07 6.16 15.40
CA VAL B 142 42.65 7.52 15.70
C VAL B 142 43.26 7.92 17.04
N SER B 143 43.97 9.03 17.06
CA SER B 143 44.71 9.43 18.24
C SER B 143 44.61 10.94 18.44
N LYS B 144 44.68 11.36 19.69
CA LYS B 144 44.74 12.78 20.02
C LYS B 144 46.16 13.30 19.85
N VAL B 145 46.31 14.42 19.15
CA VAL B 145 47.62 15.07 19.10
C VAL B 145 47.75 16.13 20.18
N ASP B 146 46.78 17.04 20.26
CA ASP B 146 46.62 17.93 21.41
C ASP B 146 45.12 18.23 21.54
N ASP B 147 44.76 19.13 22.46
CA ASP B 147 43.34 19.40 22.69
C ASP B 147 42.57 19.69 21.40
N TYR B 148 43.25 20.26 20.39
CA TYR B 148 42.53 20.70 19.19
C TYR B 148 43.12 20.11 17.92
N THR B 149 43.73 18.93 18.01
CA THR B 149 44.30 18.23 16.87
C THR B 149 44.06 16.73 17.02
N VAL B 150 43.50 16.11 15.98
CA VAL B 150 43.25 14.67 15.99
C VAL B 150 43.75 14.08 14.68
N LYS B 151 44.36 12.90 14.77
CA LYS B 151 45.00 12.24 13.64
C LYS B 151 44.33 10.91 13.33
N PHE B 152 44.00 10.69 12.05
CA PHE B 152 43.51 9.42 11.52
C PHE B 152 44.59 8.79 10.65
N GLU B 153 45.12 7.62 11.06
CA GLU B 153 46.14 6.92 10.29
C GLU B 153 45.56 5.62 9.72
N PHE B 154 45.46 5.54 8.37
CA PHE B 154 44.94 4.35 7.69
C PHE B 154 46.07 3.39 7.32
N PRO B 155 45.78 2.09 7.24
CA PRO B 155 46.79 1.12 6.80
C PRO B 155 47.04 1.10 5.30
N ALA B 156 46.31 1.89 4.53
CA ALA B 156 46.53 1.99 3.09
C ALA B 156 45.98 3.32 2.63
N ALA B 157 46.33 3.70 1.40
CA ALA B 157 45.87 4.97 0.84
C ALA B 157 44.35 5.04 0.90
N ASN B 158 43.82 6.24 1.19
CA ASN B 158 42.40 6.49 1.32
C ASN B 158 42.10 7.85 0.69
N LEU B 159 42.26 7.91 -0.63
CA LEU B 159 42.11 9.15 -1.37
C LEU B 159 40.75 9.80 -1.15
N SER B 160 39.68 9.01 -0.98
CA SER B 160 38.33 9.57 -0.96
C SER B 160 37.84 10.00 0.42
N PHE B 161 38.68 9.89 1.46
CA PHE B 161 38.18 10.10 2.82
C PHE B 161 37.60 11.49 3.06
N PRO B 162 38.17 12.59 2.56
CA PRO B 162 37.50 13.89 2.76
C PRO B 162 36.10 13.93 2.17
N GLU B 163 35.87 13.30 1.01
CA GLU B 163 34.52 13.25 0.46
C GLU B 163 33.58 12.49 1.39
N THR B 164 34.02 11.32 1.86
CA THR B 164 33.21 10.53 2.79
C THR B 164 32.81 11.34 4.01
N LEU B 165 33.74 12.15 4.54
CA LEU B 165 33.48 12.96 5.72
C LEU B 165 32.46 14.05 5.45
N ALA B 166 32.17 14.37 4.18
CA ALA B 166 31.12 15.32 3.85
C ALA B 166 29.73 14.69 3.62
N THR B 167 29.59 13.36 3.75
CA THR B 167 28.31 12.71 3.55
C THR B 167 27.58 12.50 4.88
N PRO B 168 26.28 12.24 4.83
CA PRO B 168 25.56 11.97 6.09
C PRO B 168 26.15 10.80 6.87
N LEU B 169 26.51 9.72 6.17
CA LEU B 169 27.04 8.53 6.84
C LEU B 169 28.48 8.68 7.31
N GLY B 170 29.14 9.80 6.99
CA GLY B 170 30.50 10.00 7.47
C GLY B 170 30.63 10.98 8.62
N GLN B 171 29.53 11.28 9.31
CA GLN B 171 29.52 12.32 10.33
C GLN B 171 29.66 11.80 11.76
N HIS B 172 29.92 10.51 11.95
CA HIS B 172 30.12 9.99 13.30
C HIS B 172 31.15 10.75 14.11
N PRO B 173 32.30 11.18 13.56
CA PRO B 173 33.33 11.80 14.40
C PRO B 173 32.83 13.02 15.18
N THR B 174 31.77 13.68 14.74
CA THR B 174 31.30 14.89 15.41
C THR B 174 29.95 14.69 16.12
N LEU B 175 29.46 13.46 16.22
CA LEU B 175 28.10 13.19 16.71
C LEU B 175 28.03 12.90 18.20
N TYR B 176 29.15 12.64 18.86
CA TYR B 176 29.13 12.10 20.23
C TYR B 176 29.92 13.00 21.17
N GLN B 177 29.22 13.69 22.07
CA GLN B 177 29.90 14.42 23.12
C GLN B 177 30.38 13.43 24.18
N LYS B 178 31.69 13.45 24.46
CA LYS B 178 32.26 12.47 25.39
C LYS B 178 31.68 12.64 26.79
N LYS B 179 31.48 13.87 27.25
CA LYS B 179 30.99 14.07 28.60
C LYS B 179 29.64 13.40 28.78
N TYR B 180 28.67 13.74 27.93
CA TYR B 180 27.32 13.19 28.05
C TYR B 180 27.29 11.69 27.78
N CYS B 181 27.92 11.26 26.68
CA CYS B 181 27.77 9.87 26.23
C CYS B 181 28.53 8.89 27.11
N SER B 182 29.64 9.33 27.71
CA SER B 182 30.40 8.41 28.54
C SER B 182 29.59 7.94 29.75
N GLN B 183 28.47 8.61 30.08
CA GLN B 183 27.61 8.14 31.16
C GLN B 183 27.01 6.77 30.85
N PHE B 184 26.84 6.46 29.58
CA PHE B 184 26.18 5.24 29.14
C PHE B 184 27.16 4.25 28.53
N HIS B 185 28.46 4.42 28.78
CA HIS B 185 29.51 3.58 28.25
C HIS B 185 30.19 2.83 29.38
N PRO B 186 30.30 1.50 29.30
CA PRO B 186 30.88 0.74 30.43
C PRO B 186 32.34 1.04 30.69
N ALA B 187 33.06 1.65 29.76
CA ALA B 187 34.46 1.99 30.00
C ALA B 187 34.61 3.29 30.79
N TYR B 188 33.52 4.00 31.02
CA TYR B 188 33.55 5.24 31.79
C TYR B 188 32.65 5.19 33.00
N ASN B 189 31.46 4.60 32.88
CA ASN B 189 30.52 4.48 33.98
C ASN B 189 30.62 3.08 34.57
N LYS B 190 31.11 2.99 35.81
CA LYS B 190 31.25 1.70 36.47
C LYS B 190 29.90 1.09 36.82
N ASN B 191 28.84 1.90 36.89
CA ASN B 191 27.50 1.44 37.21
C ASN B 191 26.58 1.68 36.02
N VAL B 192 27.06 1.38 34.82
CA VAL B 192 26.25 1.60 33.61
C VAL B 192 24.99 0.75 33.66
N GLN B 193 25.03 -0.40 34.34
CA GLN B 193 23.85 -1.25 34.45
C GLN B 193 22.68 -0.50 35.09
N ALA B 194 22.96 0.38 36.06
CA ALA B 194 21.89 1.15 36.68
C ALA B 194 21.08 1.96 35.67
N GLU B 195 21.67 2.29 34.52
CA GLU B 195 20.99 3.07 33.49
C GLU B 195 20.08 2.23 32.61
N PHE B 196 20.14 0.90 32.71
CA PHE B 196 19.38 0.04 31.80
C PHE B 196 17.89 0.08 32.09
N THR B 197 17.51 0.08 33.38
CA THR B 197 16.09 0.07 33.75
C THR B 197 15.42 1.38 33.37
N LYS B 198 16.07 2.51 33.63
CA LYS B 198 15.50 3.80 33.25
C LYS B 198 15.20 3.85 31.76
N ALA B 199 16.12 3.36 30.93
CA ALA B 199 15.97 3.44 29.48
C ALA B 199 15.21 2.25 28.89
N ASN B 200 14.90 1.22 29.68
CA ASN B 200 14.19 0.04 29.20
C ASN B 200 15.01 -0.72 28.15
N VAL B 201 16.31 -0.84 28.37
CA VAL B 201 17.19 -1.65 27.55
C VAL B 201 17.79 -2.73 28.43
N LYS B 202 18.48 -3.69 27.80
CA LYS B 202 19.11 -4.78 28.54
C LYS B 202 20.61 -4.92 28.28
N ASP B 203 21.22 -4.05 27.48
CA ASP B 203 22.65 -4.11 27.20
C ASP B 203 23.15 -2.72 26.88
N TRP B 204 24.46 -2.52 27.04
CA TRP B 204 24.97 -1.16 26.94
C TRP B 204 24.95 -0.61 25.50
N PRO B 205 25.10 -1.44 24.46
CA PRO B 205 24.93 -0.88 23.10
C PRO B 205 23.54 -0.34 22.85
N SER B 206 22.49 -1.07 23.27
CA SER B 206 21.13 -0.55 23.16
C SER B 206 20.97 0.73 23.98
N LEU B 207 21.59 0.78 25.16
CA LEU B 207 21.61 2.02 25.92
C LEU B 207 22.21 3.17 25.10
N MET B 208 23.40 2.94 24.53
CA MET B 208 24.08 3.97 23.73
C MET B 208 23.21 4.47 22.60
N ARG B 209 22.58 3.55 21.85
CA ARG B 209 21.68 3.92 20.76
C ARG B 209 20.47 4.71 21.25
N ALA B 210 19.90 4.31 22.39
CA ALA B 210 18.70 5.00 22.85
C ALA B 210 19.02 6.43 23.28
N LYS B 211 20.16 6.64 23.92
CA LYS B 211 20.52 7.92 24.52
C LYS B 211 21.44 8.76 23.64
N CYS B 212 22.40 8.14 22.96
CA CYS B 212 23.41 8.84 22.17
C CYS B 212 23.16 8.77 20.67
N SER B 213 22.48 7.72 20.22
CA SER B 213 21.95 7.62 18.86
C SER B 213 22.99 7.24 17.80
N ASP B 214 22.58 7.39 16.53
CA ASP B 214 23.37 7.04 15.36
C ASP B 214 22.86 7.89 14.19
N ILE B 215 23.49 7.75 13.03
CA ILE B 215 23.18 8.64 11.90
C ILE B 215 21.68 8.70 11.63
N GLU B 216 21.05 7.54 11.51
CA GLU B 216 19.68 7.50 11.01
C GLU B 216 18.69 6.93 12.02
N LEU B 217 19.04 6.90 13.28
CA LEU B 217 18.06 6.38 14.25
C LEU B 217 17.09 7.49 14.64
N PRO B 218 15.81 7.16 14.84
CA PRO B 218 14.87 8.20 15.30
C PRO B 218 15.23 8.74 16.68
N SER B 219 15.94 7.97 17.51
CA SER B 219 16.39 8.49 18.79
C SER B 219 17.36 9.67 18.64
N ARG B 220 17.91 9.91 17.44
CA ARG B 220 18.73 11.09 17.23
C ARG B 220 17.94 12.37 17.44
N TRP B 221 16.62 12.35 17.28
CA TRP B 221 15.79 13.55 17.35
C TRP B 221 14.69 13.43 18.40
N SER B 222 14.77 12.44 19.28
CA SER B 222 13.68 12.15 20.19
C SER B 222 13.90 12.69 21.61
N SER B 223 15.05 13.29 21.91
CA SER B 223 15.27 13.86 23.24
C SER B 223 15.75 15.30 23.10
N THR B 224 15.61 16.05 24.20
CA THR B 224 16.12 17.42 24.27
C THR B 224 17.49 17.51 24.91
N GLU B 225 17.90 16.50 25.67
CA GLU B 225 19.13 16.54 26.46
C GLU B 225 20.37 16.08 25.71
N ARG B 226 20.23 15.53 24.50
CA ARG B 226 21.37 15.02 23.75
C ARG B 226 22.16 16.17 23.14
N PRO B 227 23.40 16.42 23.56
CA PRO B 227 24.13 17.58 23.06
C PRO B 227 24.59 17.41 21.61
N SER B 228 24.68 18.54 20.90
CA SER B 228 25.13 18.51 19.52
C SER B 228 25.80 19.84 19.17
N ILE B 229 26.36 19.89 17.96
CA ILE B 229 26.90 21.12 17.39
C ILE B 229 26.03 21.52 16.21
N ASP B 230 24.72 21.18 16.26
CA ASP B 230 23.79 21.46 15.17
C ASP B 230 23.34 22.93 15.21
N PRO B 231 22.98 23.50 14.05
CA PRO B 231 22.50 24.88 14.04
C PRO B 231 21.17 25.06 14.76
N TRP B 232 20.30 24.05 14.78
CA TRP B 232 19.10 24.09 15.60
C TRP B 232 19.03 22.84 16.44
N LEU B 233 18.29 22.95 17.56
CA LEU B 233 18.25 21.96 18.61
C LEU B 233 16.81 21.49 18.78
N ILE B 234 16.63 20.21 19.11
CA ILE B 234 15.29 19.70 19.33
C ILE B 234 14.71 20.34 20.59
N LYS B 235 13.50 20.89 20.45
CA LYS B 235 12.74 21.43 21.58
C LYS B 235 11.46 20.64 21.81
N GLU B 236 10.71 20.35 20.74
CA GLU B 236 9.60 19.38 20.81
C GLU B 236 10.00 18.19 19.97
N PRO B 237 10.21 17.01 20.58
CA PRO B 237 10.96 15.94 19.89
C PRO B 237 10.12 15.14 18.91
N TYR B 238 10.83 14.52 17.96
CA TYR B 238 10.31 13.51 17.06
C TYR B 238 10.23 12.17 17.76
N GLY B 239 9.35 11.30 17.27
CA GLY B 239 9.31 9.95 17.77
C GLY B 239 7.97 9.50 18.32
N GLY B 240 7.44 10.24 19.27
CA GLY B 240 6.16 9.89 19.87
C GLY B 240 5.03 9.93 18.87
N ALA B 241 3.80 9.97 19.36
CA ALA B 241 2.63 10.17 18.51
C ALA B 241 2.41 11.65 18.21
N VAL B 242 3.45 12.33 17.75
CA VAL B 242 3.42 13.77 17.63
C VAL B 242 2.92 14.17 16.24
N THR B 243 2.36 15.37 16.15
CA THR B 243 1.96 15.96 14.88
C THR B 243 2.88 17.07 14.42
N ARG B 244 3.90 17.41 15.22
CA ARG B 244 4.71 18.59 14.97
C ARG B 244 6.00 18.46 15.73
N VAL B 245 7.12 18.74 15.07
CA VAL B 245 8.44 18.80 15.69
C VAL B 245 8.93 20.24 15.61
N VAL B 246 9.55 20.72 16.68
CA VAL B 246 10.05 22.09 16.73
C VAL B 246 11.51 22.05 17.14
N MET B 247 12.35 22.78 16.41
CA MET B 247 13.75 22.96 16.74
C MET B 247 14.04 24.45 16.88
N GLU B 248 14.98 24.78 17.75
CA GLU B 248 15.29 26.16 18.08
C GLU B 248 16.78 26.38 17.93
N ARG B 249 17.14 27.61 17.53
CA ARG B 249 18.53 27.96 17.28
C ARG B 249 19.44 27.54 18.44
N ASN B 250 20.59 26.98 18.07
CA ASN B 250 21.66 26.63 19.02
C ASN B 250 22.42 27.89 19.44
N PRO B 251 22.34 28.28 20.73
CA PRO B 251 23.03 29.51 21.16
C PRO B 251 24.55 29.40 21.04
N PHE B 252 25.09 28.19 21.01
CA PHE B 252 26.52 27.96 20.86
C PHE B 252 26.92 27.57 19.43
N TYR B 253 26.08 27.86 18.43
CA TYR B 253 26.49 27.53 17.06
C TYR B 253 27.78 28.28 16.72
N TRP B 254 28.57 27.69 15.82
CA TRP B 254 30.00 28.01 15.73
C TRP B 254 30.36 28.76 14.44
N GLN B 255 29.39 29.46 13.85
CA GLN B 255 29.57 30.12 12.57
C GLN B 255 28.98 31.52 12.59
N VAL B 256 29.54 32.39 11.75
CA VAL B 256 29.08 33.77 11.63
C VAL B 256 28.94 34.10 10.14
N ASP B 257 28.22 35.19 9.84
CA ASP B 257 28.22 35.61 8.45
C ASP B 257 29.32 36.67 8.22
N PRO B 258 29.50 37.19 7.01
CA PRO B 258 30.60 38.15 6.79
C PRO B 258 30.48 39.43 7.60
N THR B 259 29.32 39.71 8.17
CA THR B 259 29.16 40.89 9.02
C THR B 259 29.30 40.58 10.51
N GLY B 260 29.59 39.33 10.87
CA GLY B 260 29.81 38.98 12.26
C GLY B 260 28.59 38.52 13.02
N LYS B 261 27.48 38.28 12.33
CA LYS B 261 26.27 37.75 12.96
C LYS B 261 26.45 36.26 13.21
N GLN B 262 26.27 35.83 14.47
CA GLN B 262 26.20 34.41 14.76
C GLN B 262 24.99 33.79 14.08
N LEU B 263 25.21 32.76 13.26
CA LEU B 263 24.13 32.05 12.59
C LEU B 263 23.54 31.00 13.53
N PRO B 264 22.39 30.39 13.16
CA PRO B 264 21.58 30.60 11.95
C PRO B 264 20.82 31.92 11.94
N TYR B 265 20.34 32.37 10.77
CA TYR B 265 19.49 33.55 10.75
C TYR B 265 18.11 33.24 11.32
N VAL B 266 17.54 32.10 10.90
CA VAL B 266 16.19 31.71 11.29
C VAL B 266 16.18 31.18 12.72
N ASP B 267 15.17 31.60 13.49
CA ASP B 267 15.14 31.29 14.93
C ASP B 267 14.72 29.84 15.20
N ARG B 268 13.75 29.32 14.44
CA ARG B 268 13.12 28.02 14.72
C ARG B 268 12.76 27.31 13.44
N ILE B 269 12.71 25.98 13.51
CA ILE B 269 12.19 25.14 12.43
C ILE B 269 11.03 24.33 12.99
N GLN B 270 9.94 24.30 12.24
CA GLN B 270 8.73 23.57 12.63
C GLN B 270 8.39 22.57 11.54
N TYR B 271 8.40 21.28 11.88
CA TYR B 271 8.08 20.20 10.95
C TYR B 271 6.67 19.71 11.25
N ALA B 272 5.75 19.90 10.31
CA ALA B 272 4.51 19.14 10.36
C ALA B 272 4.83 17.67 10.11
N VAL B 273 4.32 16.78 10.98
CA VAL B 273 4.49 15.34 10.80
C VAL B 273 3.18 14.82 10.24
N VAL B 274 3.18 14.48 8.95
CA VAL B 274 1.95 14.26 8.20
C VAL B 274 1.82 12.79 7.85
N SER B 275 0.76 12.16 8.39
CA SER B 275 0.50 10.73 8.29
C SER B 275 0.23 10.26 6.86
N ASP B 276 0.12 11.15 5.88
CA ASP B 276 -0.36 10.77 4.56
C ASP B 276 0.15 11.73 3.49
N LEU B 277 0.37 11.20 2.28
CA LEU B 277 0.97 11.99 1.22
C LEU B 277 0.02 13.08 0.72
N GLN B 278 -1.22 12.71 0.41
CA GLN B 278 -2.13 13.64 -0.26
C GLN B 278 -2.27 14.95 0.52
N ALA B 279 -2.11 14.89 1.83
CA ALA B 279 -2.17 16.10 2.65
C ALA B 279 -0.93 16.97 2.46
N ILE B 280 0.24 16.33 2.32
CA ILE B 280 1.46 17.09 2.07
C ILE B 280 1.30 17.93 0.82
N ILE B 281 0.85 17.30 -0.27
CA ILE B 281 0.68 17.99 -1.54
C ILE B 281 -0.27 19.17 -1.40
N LEU B 282 -1.35 18.99 -0.63
CA LEU B 282 -2.36 20.04 -0.51
C LEU B 282 -1.84 21.22 0.31
N ALA B 283 -1.22 20.93 1.46
CA ALA B 283 -0.61 22.00 2.23
C ALA B 283 0.54 22.66 1.47
N ALA B 284 1.28 21.89 0.67
CA ALA B 284 2.33 22.49 -0.15
C ALA B 284 1.75 23.46 -1.17
N THR B 285 0.69 23.04 -1.88
CA THR B 285 0.09 23.90 -2.89
C THR B 285 -0.64 25.09 -2.28
N ASN B 286 -0.94 25.06 -0.99
CA ASN B 286 -1.56 26.18 -0.29
C ASN B 286 -0.54 27.12 0.31
N GLY B 287 0.75 26.88 0.10
CA GLY B 287 1.78 27.77 0.61
C GLY B 287 2.07 27.62 2.08
N GLN B 288 1.83 26.45 2.66
CA GLN B 288 2.02 26.25 4.08
C GLN B 288 3.45 25.87 4.45
N TYR B 289 4.31 25.58 3.48
CA TYR B 289 5.70 25.20 3.73
C TYR B 289 6.64 26.25 3.14
N ASP B 290 7.60 26.72 3.94
CA ASP B 290 8.62 27.62 3.42
C ASP B 290 9.67 26.91 2.58
N ILE B 291 9.86 25.62 2.80
CA ILE B 291 10.77 24.82 1.99
C ILE B 291 10.21 23.41 1.89
N GLU B 292 10.17 22.87 0.69
CA GLU B 292 9.90 21.44 0.51
C GLU B 292 10.70 20.99 -0.70
N ALA B 293 11.75 20.24 -0.45
CA ALA B 293 12.70 19.85 -1.49
C ALA B 293 13.20 18.45 -1.22
N ARG B 294 12.26 17.54 -0.94
CA ARG B 294 12.58 16.19 -0.50
C ARG B 294 11.41 15.24 -0.77
N LEU B 295 10.25 15.51 -0.17
CA LEU B 295 9.14 14.55 -0.23
C LEU B 295 8.36 14.64 -1.54
N LEU B 296 8.23 15.82 -2.14
CA LEU B 296 7.40 16.02 -3.31
C LEU B 296 8.19 16.07 -4.61
N GLY B 297 9.50 15.83 -4.57
CA GLY B 297 10.35 16.07 -5.73
C GLY B 297 10.10 15.13 -6.89
N SER B 298 9.67 13.90 -6.62
CA SER B 298 9.48 12.89 -7.65
C SER B 298 8.00 12.60 -7.92
N ASP B 299 7.14 13.57 -7.67
CA ASP B 299 5.72 13.40 -7.94
C ASP B 299 5.37 14.32 -9.10
N VAL B 300 5.49 13.78 -10.32
CA VAL B 300 5.25 14.59 -11.50
C VAL B 300 3.77 14.92 -11.66
N THR B 301 2.88 14.08 -11.10
CA THR B 301 1.45 14.29 -11.35
C THR B 301 0.96 15.61 -10.78
N SER B 302 1.58 16.09 -9.71
CA SER B 302 1.14 17.31 -9.05
C SER B 302 1.86 18.57 -9.54
N ARG B 303 2.90 18.41 -10.36
CA ARG B 303 3.61 19.58 -10.89
C ARG B 303 2.69 20.62 -11.53
N PRO B 304 1.75 20.27 -12.40
CA PRO B 304 0.86 21.30 -12.95
C PRO B 304 0.12 22.07 -11.87
N LEU B 305 -0.33 21.37 -10.82
CA LEU B 305 -0.97 22.07 -9.70
C LEU B 305 0.06 22.80 -8.85
N MET B 306 1.20 22.16 -8.60
CA MET B 306 2.26 22.85 -7.87
C MET B 306 2.65 24.14 -8.57
N LEU B 307 2.79 24.10 -9.89
CA LEU B 307 3.19 25.28 -10.64
C LEU B 307 2.08 26.32 -10.65
N LYS B 308 0.83 25.88 -10.80
CA LYS B 308 -0.28 26.83 -10.91
C LYS B 308 -0.41 27.69 -9.66
N ASN B 309 -0.19 27.11 -8.48
CA ASN B 309 -0.45 27.80 -7.23
C ASN B 309 0.75 28.58 -6.68
N GLN B 310 1.81 28.74 -7.45
CA GLN B 310 2.96 29.51 -6.98
C GLN B 310 2.53 30.89 -6.49
N GLN B 311 1.75 31.62 -7.30
CA GLN B 311 1.43 33.01 -6.97
C GLN B 311 0.49 33.09 -5.77
N LYS B 312 -0.62 32.35 -5.81
CA LYS B 312 -1.55 32.34 -4.69
C LYS B 312 -0.87 31.86 -3.41
N GLY B 313 -0.02 30.82 -3.54
CA GLY B 313 0.64 30.27 -2.38
C GLY B 313 1.89 30.99 -1.91
N GLY B 314 2.37 31.97 -2.68
CA GLY B 314 3.57 32.72 -2.30
C GLY B 314 4.84 31.88 -2.26
N TYR B 315 5.02 30.99 -3.23
CA TYR B 315 6.21 30.15 -3.27
C TYR B 315 6.70 30.02 -4.71
N LYS B 316 7.96 29.62 -4.85
CA LYS B 316 8.60 29.43 -6.13
C LYS B 316 8.97 27.97 -6.28
N VAL B 317 8.57 27.37 -7.40
CA VAL B 317 9.01 26.02 -7.76
C VAL B 317 10.35 26.14 -8.48
N PHE B 318 11.33 25.35 -8.05
CA PHE B 318 12.60 25.25 -8.77
C PHE B 318 12.93 23.78 -9.01
N GLY B 319 13.65 23.51 -10.09
CA GLY B 319 14.03 22.17 -10.45
C GLY B 319 15.42 21.82 -9.94
N GLN B 320 15.63 20.54 -9.65
CA GLN B 320 16.93 20.02 -9.31
C GLN B 320 17.23 18.79 -10.18
N THR B 321 18.51 18.61 -10.48
CA THR B 321 18.97 17.40 -11.17
C THR B 321 19.25 16.33 -10.11
N SER B 322 18.55 15.20 -10.21
CA SER B 322 18.79 14.11 -9.28
C SER B 322 20.07 13.37 -9.65
N ALA B 323 20.82 12.94 -8.64
CA ALA B 323 22.01 12.15 -8.87
C ALA B 323 21.70 10.68 -9.14
N ASN B 324 20.50 10.23 -8.80
CA ASN B 324 20.11 8.85 -9.04
C ASN B 324 20.14 8.48 -10.52
N ALA B 325 20.69 7.29 -10.79
CA ALA B 325 20.61 6.72 -12.13
C ALA B 325 19.19 6.25 -12.47
N ASN B 326 18.38 5.93 -11.47
CA ASN B 326 17.05 5.40 -11.75
C ASN B 326 16.11 5.82 -10.63
N ALA B 327 14.93 6.28 -11.01
CA ALA B 327 13.93 6.76 -10.06
C ALA B 327 13.21 5.64 -9.34
N ALA B 328 13.12 4.46 -9.95
CA ALA B 328 12.35 3.38 -9.34
C ALA B 328 12.85 2.07 -9.96
N GLY B 329 13.86 1.48 -9.32
CA GLY B 329 14.52 0.31 -9.84
C GLY B 329 14.15 -0.97 -9.12
N LEU B 330 14.17 -2.08 -9.87
CA LEU B 330 13.87 -3.40 -9.34
C LEU B 330 15.15 -4.04 -8.82
N TRP B 331 15.28 -4.15 -7.50
CA TRP B 331 16.35 -4.91 -6.85
C TRP B 331 15.93 -6.37 -6.72
N LEU B 332 16.49 -7.24 -7.55
CA LEU B 332 16.12 -8.66 -7.53
C LEU B 332 16.99 -9.39 -6.51
N ASN B 333 16.36 -10.23 -5.69
CA ASN B 333 17.04 -10.84 -4.55
C ASN B 333 17.66 -12.17 -4.96
N GLN B 334 18.98 -12.15 -5.20
CA GLN B 334 19.73 -13.35 -5.55
C GLN B 334 19.69 -14.41 -4.48
N THR B 335 19.43 -14.04 -3.22
CA THR B 335 19.32 -15.01 -2.14
C THR B 335 17.87 -15.21 -1.70
N THR B 336 16.92 -14.99 -2.59
CA THR B 336 15.51 -15.19 -2.22
C THR B 336 15.32 -16.57 -1.61
N LYS B 337 14.53 -16.62 -0.55
CA LYS B 337 14.23 -17.87 0.15
C LYS B 337 13.31 -18.79 -0.64
N ASN B 338 12.69 -18.30 -1.71
CA ASN B 338 11.85 -19.12 -2.59
C ASN B 338 12.78 -19.98 -3.44
N GLU B 339 12.87 -21.28 -3.10
CA GLU B 339 13.88 -22.14 -3.70
C GLU B 339 13.61 -22.39 -5.18
N LYS B 340 12.34 -22.58 -5.54
CA LYS B 340 12.01 -22.77 -6.95
C LYS B 340 12.32 -21.52 -7.76
N LEU B 341 11.94 -20.36 -7.23
CA LEU B 341 12.23 -19.12 -7.94
C LEU B 341 13.74 -18.87 -8.02
N ARG B 342 14.49 -19.26 -6.98
CA ARG B 342 15.90 -18.90 -6.94
C ARG B 342 16.67 -19.52 -8.10
N LYS B 343 16.31 -20.74 -8.51
CA LYS B 343 16.96 -21.40 -9.65
C LYS B 343 16.89 -20.58 -10.93
N TYR B 344 15.89 -19.71 -11.06
CA TYR B 344 15.76 -18.83 -12.22
C TYR B 344 16.26 -17.43 -11.94
N MET B 345 16.02 -16.92 -10.73
CA MET B 345 16.51 -15.59 -10.35
C MET B 345 18.01 -15.45 -10.60
N THR B 346 18.78 -16.49 -10.32
CA THR B 346 20.22 -16.45 -10.42
C THR B 346 20.71 -16.55 -11.86
N GLN B 347 19.81 -16.73 -12.83
CA GLN B 347 20.18 -16.87 -14.23
C GLN B 347 20.07 -15.52 -14.92
N HIS B 348 21.17 -15.10 -15.55
CA HIS B 348 21.18 -13.84 -16.29
C HIS B 348 19.98 -13.75 -17.23
N ASP B 349 19.83 -14.75 -18.11
CA ASP B 349 18.80 -14.67 -19.15
C ASP B 349 17.40 -14.50 -18.55
N PHE B 350 17.13 -15.10 -17.38
CA PHE B 350 15.85 -14.85 -16.70
C PHE B 350 15.67 -13.36 -16.39
N ARG B 351 16.69 -12.74 -15.79
CA ARG B 351 16.63 -11.31 -15.50
C ARG B 351 16.47 -10.51 -16.78
N GLN B 352 17.25 -10.86 -17.82
CA GLN B 352 17.08 -10.23 -19.12
C GLN B 352 15.64 -10.34 -19.63
N ALA B 353 15.04 -11.54 -19.54
CA ALA B 353 13.68 -11.70 -20.01
C ALA B 353 12.73 -10.75 -19.27
N LEU B 354 12.91 -10.62 -17.95
CA LEU B 354 12.01 -9.74 -17.21
C LEU B 354 12.15 -8.29 -17.67
N SER B 355 13.36 -7.90 -18.07
CA SER B 355 13.56 -6.52 -18.52
C SER B 355 12.98 -6.31 -19.92
N LEU B 356 13.16 -7.30 -20.80
CA LEU B 356 12.54 -7.24 -22.13
C LEU B 356 11.01 -7.29 -22.07
N ALA B 357 10.42 -7.80 -21.00
CA ALA B 357 8.95 -7.81 -20.94
C ALA B 357 8.35 -6.52 -20.43
N MET B 358 9.18 -5.58 -19.99
N MET B 358 9.18 -5.57 -19.98
CA MET B 358 8.75 -4.29 -19.46
CA MET B 358 8.69 -4.30 -19.45
C MET B 358 8.58 -3.28 -20.60
C MET B 358 8.62 -3.25 -20.56
N ASP B 359 7.64 -2.37 -20.43
CA ASP B 359 7.41 -1.29 -21.40
C ASP B 359 7.68 0.05 -20.70
N ARG B 360 8.92 0.52 -20.80
CA ARG B 360 9.33 1.72 -20.08
C ARG B 360 8.74 2.99 -20.68
N ASP B 361 8.36 2.96 -21.95
CA ASP B 361 7.65 4.10 -22.53
C ASP B 361 6.29 4.28 -21.87
N GLU B 362 5.57 3.17 -21.63
CA GLU B 362 4.28 3.27 -20.93
C GLU B 362 4.49 3.74 -19.50
N ILE B 363 5.47 3.16 -18.80
CA ILE B 363 5.79 3.58 -17.44
C ILE B 363 6.10 5.08 -17.40
N ASN B 364 6.95 5.54 -18.31
CA ASN B 364 7.25 6.97 -18.38
C ASN B 364 5.97 7.77 -18.64
N LYS B 365 5.17 7.33 -19.60
CA LYS B 365 3.96 8.05 -19.98
C LYS B 365 3.00 8.16 -18.81
N VAL B 366 2.74 7.04 -18.13
CA VAL B 366 1.69 6.99 -17.11
C VAL B 366 2.19 7.52 -15.78
N ALA B 367 3.26 6.91 -15.25
CA ALA B 367 3.75 7.24 -13.91
C ALA B 367 4.49 8.57 -13.85
N TRP B 368 5.01 9.07 -14.98
CA TRP B 368 5.87 10.25 -14.96
C TRP B 368 5.40 11.32 -15.93
N LEU B 369 4.20 11.18 -16.48
CA LEU B 369 3.66 12.08 -17.50
C LEU B 369 4.67 12.34 -18.61
N GLY B 370 5.51 11.34 -18.89
CA GLY B 370 6.48 11.44 -19.95
C GLY B 370 7.70 12.29 -19.66
N GLN B 371 7.91 12.70 -18.40
CA GLN B 371 9.01 13.59 -18.05
C GLN B 371 10.28 12.86 -17.61
N ALA B 372 10.24 11.54 -17.47
CA ALA B 372 11.45 10.79 -17.19
C ALA B 372 12.00 10.23 -18.52
N ALA B 373 12.84 9.20 -18.47
CA ALA B 373 13.28 8.55 -19.70
C ALA B 373 13.73 7.14 -19.37
N PRO B 374 13.56 6.17 -20.29
CA PRO B 374 14.03 4.81 -20.01
C PRO B 374 15.51 4.81 -19.68
N TRP B 375 15.90 3.95 -18.73
CA TRP B 375 17.28 3.85 -18.28
C TRP B 375 17.39 2.62 -17.40
N GLN B 376 18.59 2.02 -17.34
CA GLN B 376 18.81 0.97 -16.36
C GLN B 376 19.49 1.56 -15.13
N SER B 377 20.76 1.24 -14.90
CA SER B 377 21.37 1.54 -13.61
C SER B 377 22.70 2.27 -13.68
N GLY B 378 23.19 2.61 -14.87
CA GLY B 378 24.53 3.14 -14.97
C GLY B 378 24.64 4.65 -14.84
N PRO B 379 25.86 5.13 -14.60
CA PRO B 379 26.11 6.58 -14.58
C PRO B 379 25.66 7.28 -15.85
N PHE B 380 25.36 8.58 -15.78
CA PHE B 380 24.93 9.31 -16.96
C PHE B 380 26.11 9.54 -17.91
N LYS B 381 25.78 9.98 -19.14
CA LYS B 381 26.79 10.11 -20.18
C LYS B 381 27.84 11.16 -19.84
N GLU B 382 27.48 12.18 -19.07
CA GLU B 382 28.45 13.20 -18.67
C GLU B 382 29.49 12.67 -17.69
N SER B 383 29.17 11.60 -16.97
CA SER B 383 30.06 11.09 -15.95
C SER B 383 31.27 10.40 -16.59
N LYS B 384 32.43 10.57 -15.97
CA LYS B 384 33.60 9.81 -16.39
C LYS B 384 33.39 8.31 -16.22
N TRP B 385 32.34 7.89 -15.52
CA TRP B 385 32.05 6.48 -15.29
C TRP B 385 31.09 5.89 -16.30
N TYR B 386 30.65 6.66 -17.31
CA TYR B 386 29.59 6.19 -18.21
C TYR B 386 29.95 4.86 -18.84
N ASN B 387 29.01 3.93 -18.81
CA ASN B 387 29.18 2.62 -19.42
C ASN B 387 27.90 2.34 -20.21
N GLU B 388 28.00 2.34 -21.54
CA GLU B 388 26.80 2.31 -22.38
C GLU B 388 25.96 1.06 -22.08
N LYS B 389 26.61 -0.10 -21.96
CA LYS B 389 25.86 -1.33 -21.70
C LYS B 389 25.09 -1.24 -20.37
N LEU B 390 25.75 -0.75 -19.32
CA LEU B 390 25.11 -0.65 -18.01
C LEU B 390 23.92 0.29 -18.04
N ALA B 391 23.98 1.34 -18.85
CA ALA B 391 22.90 2.31 -18.93
C ALA B 391 21.73 1.84 -19.80
N THR B 392 22.01 1.19 -20.93
CA THR B 392 20.99 1.06 -21.97
C THR B 392 20.69 -0.35 -22.46
N GLN B 393 21.34 -1.39 -21.95
CA GLN B 393 21.01 -2.74 -22.41
C GLN B 393 19.58 -3.12 -22.01
N TYR B 394 18.91 -3.87 -22.90
CA TYR B 394 17.61 -4.48 -22.61
C TYR B 394 16.54 -3.44 -22.25
N LEU B 395 16.60 -2.25 -22.83
CA LEU B 395 15.64 -1.18 -22.52
C LEU B 395 14.37 -1.24 -23.36
N LYS B 396 14.45 -1.77 -24.58
CA LYS B 396 13.33 -1.72 -25.50
C LYS B 396 12.43 -2.95 -25.29
N LEU B 397 11.12 -2.71 -25.22
CA LEU B 397 10.17 -3.80 -25.08
C LEU B 397 10.32 -4.81 -26.19
N ASP B 398 10.43 -6.10 -25.83
CA ASP B 398 10.51 -7.19 -26.79
C ASP B 398 9.85 -8.42 -26.17
N LEU B 399 8.51 -8.44 -26.18
CA LEU B 399 7.80 -9.51 -25.51
C LEU B 399 8.08 -10.86 -26.18
N ALA B 400 8.15 -10.88 -27.51
CA ALA B 400 8.45 -12.13 -28.21
C ALA B 400 9.76 -12.74 -27.72
N GLN B 401 10.81 -11.92 -27.60
CA GLN B 401 12.09 -12.42 -27.13
C GLN B 401 12.01 -12.84 -25.67
N ALA B 402 11.37 -12.03 -24.82
CA ALA B 402 11.15 -12.43 -23.42
C ALA B 402 10.46 -13.78 -23.34
N ASN B 403 9.40 -13.96 -24.13
CA ASN B 403 8.67 -15.22 -24.09
C ASN B 403 9.51 -16.37 -24.62
N GLN B 404 10.34 -16.12 -25.63
CA GLN B 404 11.22 -17.18 -26.13
C GLN B 404 12.26 -17.56 -25.09
N ILE B 405 12.80 -16.58 -24.35
CA ILE B 405 13.76 -16.89 -23.30
C ILE B 405 13.12 -17.73 -22.21
N LEU B 406 11.99 -17.27 -21.67
CA LEU B 406 11.32 -18.05 -20.62
C LEU B 406 11.00 -19.46 -21.10
N ASP B 407 10.65 -19.62 -22.38
CA ASP B 407 10.40 -20.96 -22.93
C ASP B 407 11.66 -21.81 -22.86
N ARG B 408 12.80 -21.28 -23.34
CA ARG B 408 14.04 -22.03 -23.33
C ARG B 408 14.48 -22.39 -21.91
N LEU B 409 14.21 -21.52 -20.92
CA LEU B 409 14.54 -21.83 -19.54
C LEU B 409 13.68 -22.94 -18.95
N GLY B 410 12.69 -23.45 -19.70
CA GLY B 410 11.88 -24.57 -19.24
C GLY B 410 10.60 -24.20 -18.52
N LEU B 411 10.23 -22.92 -18.53
CA LEU B 411 9.01 -22.45 -17.86
C LEU B 411 7.82 -22.46 -18.81
N THR B 412 7.56 -23.61 -19.44
CA THR B 412 6.57 -23.72 -20.49
C THR B 412 5.21 -24.24 -20.02
N LYS B 413 5.15 -24.96 -18.91
CA LYS B 413 3.87 -25.38 -18.37
C LYS B 413 3.04 -24.16 -17.97
N ARG B 414 1.72 -24.27 -18.11
CA ARG B 414 0.81 -23.16 -17.87
C ARG B 414 -0.30 -23.60 -16.92
N ASP B 415 -0.69 -22.71 -16.00
CA ASP B 415 -1.81 -23.00 -15.11
C ASP B 415 -3.11 -22.46 -15.71
N SER B 416 -4.24 -22.72 -15.03
CA SER B 416 -5.52 -22.44 -15.66
C SER B 416 -5.77 -20.94 -15.88
N ASP B 417 -5.02 -20.08 -15.21
CA ASP B 417 -5.16 -18.64 -15.45
C ASP B 417 -4.23 -18.15 -16.54
N GLY B 418 -3.39 -19.01 -17.11
CA GLY B 418 -2.52 -18.64 -18.21
C GLY B 418 -1.10 -18.28 -17.83
N TYR B 419 -0.75 -18.34 -16.54
CA TYR B 419 0.61 -18.04 -16.12
C TYR B 419 1.52 -19.24 -16.32
N ARG B 420 2.80 -18.96 -16.54
CA ARG B 420 3.80 -20.02 -16.54
C ARG B 420 3.92 -20.61 -15.15
N THR B 421 4.37 -21.85 -15.07
CA THR B 421 4.67 -22.49 -13.80
C THR B 421 6.05 -23.12 -13.86
N TYR B 422 6.61 -23.38 -12.67
CA TYR B 422 7.85 -24.12 -12.60
C TYR B 422 7.63 -25.53 -13.13
N PRO B 423 8.70 -26.19 -13.59
CA PRO B 423 8.54 -27.53 -14.16
C PRO B 423 7.89 -28.51 -13.20
N ASP B 424 8.04 -28.30 -11.89
CA ASP B 424 7.47 -29.19 -10.89
C ASP B 424 6.36 -28.50 -10.08
N GLY B 425 5.67 -27.54 -10.69
CA GLY B 425 4.51 -26.95 -10.06
C GLY B 425 4.79 -25.60 -9.44
N GLY B 426 3.74 -24.77 -9.38
CA GLY B 426 3.82 -23.46 -8.76
C GLY B 426 3.90 -22.34 -9.77
N ARG B 427 3.02 -21.35 -9.65
CA ARG B 427 3.06 -20.21 -10.56
C ARG B 427 4.38 -19.45 -10.44
N VAL B 428 4.92 -19.01 -11.58
CA VAL B 428 6.14 -18.20 -11.57
C VAL B 428 5.76 -16.82 -11.03
N SER B 429 6.05 -16.57 -9.76
CA SER B 429 5.52 -15.42 -9.05
C SER B 429 6.61 -14.76 -8.21
N LEU B 430 6.67 -13.43 -8.24
CA LEU B 430 7.70 -12.65 -7.55
C LEU B 430 7.03 -11.63 -6.64
N ASP B 431 7.36 -11.67 -5.33
CA ASP B 431 6.86 -10.66 -4.39
C ASP B 431 7.73 -9.41 -4.48
N ALA B 432 7.12 -8.25 -4.66
CA ALA B 432 7.83 -6.98 -4.71
C ALA B 432 7.44 -6.13 -3.51
N ILE B 433 8.40 -5.80 -2.65
CA ILE B 433 8.11 -4.94 -1.51
C ILE B 433 8.28 -3.49 -1.94
N VAL B 434 7.39 -2.63 -1.43
CA VAL B 434 7.33 -1.23 -1.79
C VAL B 434 6.83 -0.45 -0.57
N MET B 435 7.27 0.80 -0.45
CA MET B 435 6.74 1.68 0.59
C MET B 435 5.44 2.30 0.09
N ILE B 436 4.37 2.15 0.87
CA ILE B 436 3.03 2.48 0.35
C ILE B 436 2.85 3.98 0.12
N ASP B 437 3.66 4.82 0.76
CA ASP B 437 3.55 6.26 0.56
C ASP B 437 4.16 6.72 -0.77
N ARG B 438 4.86 5.84 -1.48
CA ARG B 438 5.60 6.20 -2.69
C ARG B 438 4.69 5.90 -3.88
N GLN B 439 3.87 6.90 -4.23
CA GLN B 439 2.84 6.70 -5.23
C GLN B 439 3.44 6.32 -6.59
N ALA B 440 4.44 7.07 -7.06
CA ALA B 440 5.06 6.75 -8.34
C ALA B 440 5.60 5.33 -8.36
N MET B 441 6.19 4.88 -7.24
CA MET B 441 6.72 3.52 -7.23
C MET B 441 5.61 2.47 -7.22
N VAL B 442 4.52 2.72 -6.48
CA VAL B 442 3.41 1.77 -6.49
C VAL B 442 2.80 1.69 -7.89
N GLN B 443 2.53 2.84 -8.49
CA GLN B 443 2.04 2.88 -9.87
C GLN B 443 2.98 2.15 -10.82
N THR B 444 4.30 2.27 -10.61
CA THR B 444 5.25 1.55 -11.44
C THR B 444 5.06 0.05 -11.33
N LEU B 445 4.93 -0.46 -10.10
CA LEU B 445 4.75 -1.90 -9.90
C LEU B 445 3.42 -2.37 -10.50
N GLU B 446 2.36 -1.56 -10.37
CA GLU B 446 1.08 -1.93 -10.95
C GLU B 446 1.17 -2.06 -12.47
N LEU B 447 1.94 -1.18 -13.11
CA LEU B 447 2.09 -1.26 -14.56
C LEU B 447 2.95 -2.45 -14.94
N ILE B 448 4.02 -2.69 -14.19
CA ILE B 448 4.85 -3.86 -14.46
C ILE B 448 4.06 -5.15 -14.26
N ARG B 449 3.15 -5.17 -13.26
CA ARG B 449 2.32 -6.35 -13.07
C ARG B 449 1.60 -6.71 -14.36
N ARG B 450 0.98 -5.71 -15.00
CA ARG B 450 0.18 -5.94 -16.20
C ARG B 450 1.07 -6.35 -17.36
N GLN B 451 2.21 -5.67 -17.51
CA GLN B 451 3.14 -5.97 -18.58
C GLN B 451 3.68 -7.40 -18.45
N TRP B 452 4.07 -7.78 -17.23
CA TRP B 452 4.66 -9.10 -17.03
C TRP B 452 3.65 -10.22 -17.18
N GLN B 453 2.36 -9.95 -16.92
CA GLN B 453 1.34 -10.96 -17.17
C GLN B 453 1.37 -11.42 -18.63
N LYS B 454 1.67 -10.50 -19.57
CA LYS B 454 1.81 -10.88 -20.97
C LYS B 454 2.94 -11.87 -21.22
N ALA B 455 3.90 -11.96 -20.30
CA ALA B 455 4.99 -12.92 -20.38
C ALA B 455 4.75 -14.14 -19.50
N GLY B 456 3.55 -14.28 -18.95
CA GLY B 456 3.20 -15.38 -18.08
C GLY B 456 3.83 -15.36 -16.70
N VAL B 457 4.23 -14.19 -16.21
CA VAL B 457 4.90 -14.04 -14.92
C VAL B 457 4.04 -13.16 -14.02
N GLU B 458 3.89 -13.56 -12.77
CA GLU B 458 3.06 -12.82 -11.82
C GLU B 458 3.93 -11.98 -10.89
N LEU B 459 3.57 -10.70 -10.74
CA LEU B 459 4.18 -9.83 -9.75
C LEU B 459 3.19 -9.57 -8.63
N VAL B 460 3.63 -9.75 -7.38
CA VAL B 460 2.76 -9.62 -6.20
C VAL B 460 3.25 -8.42 -5.40
N ILE B 461 2.43 -7.37 -5.34
CA ILE B 461 2.77 -6.14 -4.63
C ILE B 461 2.51 -6.34 -3.13
N LYS B 462 3.54 -6.12 -2.32
CA LYS B 462 3.41 -6.09 -0.85
C LYS B 462 3.87 -4.73 -0.36
N GLY B 463 2.93 -3.88 0.03
CA GLY B 463 3.21 -2.54 0.49
C GLY B 463 3.22 -2.41 2.01
N SER B 464 4.10 -1.55 2.51
CA SER B 464 4.12 -1.29 3.94
C SER B 464 4.70 0.11 4.15
N GLU B 465 4.65 0.57 5.40
CA GLU B 465 5.38 1.78 5.73
C GLU B 465 6.88 1.47 5.86
N ARG B 466 7.67 2.53 6.01
CA ARG B 466 9.12 2.42 5.82
C ARG B 466 9.75 1.39 6.75
N SER B 467 9.31 1.34 8.01
CA SER B 467 9.95 0.47 9.00
C SER B 467 9.89 -1.00 8.59
N LEU B 468 8.68 -1.48 8.28
CA LEU B 468 8.53 -2.88 7.88
C LEU B 468 9.21 -3.15 6.55
N PHE B 469 9.15 -2.19 5.63
CA PHE B 469 9.87 -2.31 4.36
C PHE B 469 11.35 -2.60 4.59
N TYR B 470 11.99 -1.85 5.50
CA TYR B 470 13.40 -2.12 5.82
C TYR B 470 13.56 -3.41 6.61
N ASN B 471 12.57 -3.73 7.46
CA ASN B 471 12.64 -4.94 8.27
C ASN B 471 12.60 -6.20 7.39
N ARG B 472 11.71 -6.21 6.40
CA ARG B 472 11.61 -7.35 5.50
C ARG B 472 12.86 -7.51 4.64
N ALA B 473 13.46 -6.39 4.23
CA ALA B 473 14.72 -6.48 3.47
C ALA B 473 15.80 -7.15 4.29
N THR B 474 16.05 -6.64 5.51
CA THR B 474 17.10 -7.19 6.35
C THR B 474 16.85 -8.65 6.68
N ALA B 475 15.56 -9.05 6.81
CA ALA B 475 15.18 -10.44 7.05
C ALA B 475 15.29 -11.30 5.79
N ASN B 476 15.80 -10.74 4.68
CA ASN B 476 15.93 -11.47 3.42
C ASN B 476 14.59 -11.99 2.91
N ASP B 477 13.48 -11.30 3.23
CA ASP B 477 12.12 -11.77 2.93
C ASP B 477 11.48 -10.94 1.83
N TYR B 478 11.94 -11.15 0.60
CA TYR B 478 11.43 -10.45 -0.58
C TYR B 478 12.08 -11.09 -1.80
N ASP B 479 11.43 -10.94 -2.95
CA ASP B 479 12.03 -11.32 -4.23
C ASP B 479 12.50 -10.10 -5.01
N ILE B 480 11.73 -9.02 -4.92
CA ILE B 480 12.05 -7.73 -5.52
C ILE B 480 11.80 -6.65 -4.48
N SER B 481 12.66 -5.63 -4.46
CA SER B 481 12.44 -4.41 -3.70
C SER B 481 12.55 -3.26 -4.69
N ILE B 482 11.59 -2.33 -4.68
CA ILE B 482 11.66 -1.16 -5.55
C ILE B 482 12.08 0.08 -4.73
N ASP B 483 13.06 0.81 -5.28
CA ASP B 483 13.59 2.03 -4.69
C ASP B 483 14.65 2.56 -5.67
N VAL B 484 15.29 3.69 -5.38
CA VAL B 484 16.13 4.30 -6.41
C VAL B 484 17.39 3.47 -6.62
N PHE B 485 18.00 3.64 -7.81
CA PHE B 485 19.36 3.20 -8.10
C PHE B 485 20.22 4.45 -8.06
N PRO B 486 21.08 4.65 -7.06
CA PRO B 486 22.06 5.74 -7.13
C PRO B 486 23.09 5.44 -8.22
N GLY B 487 23.76 6.50 -8.68
CA GLY B 487 24.93 6.33 -9.52
C GLY B 487 25.00 7.22 -10.74
N GLY B 488 23.88 7.87 -11.08
CA GLY B 488 23.88 8.78 -12.21
C GLY B 488 24.98 9.82 -12.12
N LEU B 489 25.12 10.44 -10.93
CA LEU B 489 26.19 11.39 -10.64
C LEU B 489 27.05 11.01 -9.43
N ASP B 490 26.63 10.03 -8.61
CA ASP B 490 27.30 9.78 -7.33
C ASP B 490 27.80 8.35 -7.20
N ALA B 491 28.26 7.75 -8.31
CA ALA B 491 28.50 6.31 -8.32
C ALA B 491 29.54 5.90 -7.27
N THR B 492 30.67 6.60 -7.20
CA THR B 492 31.68 6.18 -6.23
C THR B 492 31.26 6.51 -4.79
N LEU B 493 30.50 7.58 -4.59
CA LEU B 493 29.98 7.89 -3.26
C LEU B 493 28.92 6.89 -2.81
N ASN B 494 28.21 6.28 -3.77
CA ASN B 494 26.95 5.59 -3.49
C ASN B 494 26.86 4.40 -4.43
N PRO B 495 27.72 3.38 -4.21
CA PRO B 495 27.89 2.31 -5.20
C PRO B 495 26.98 1.11 -5.00
N ARG B 496 25.92 1.28 -4.19
CA ARG B 496 25.08 0.16 -3.77
C ARG B 496 24.56 -0.70 -4.94
N ALA B 497 24.29 -0.09 -6.10
CA ALA B 497 23.64 -0.88 -7.14
C ALA B 497 24.62 -1.74 -7.93
N TYR B 498 25.92 -1.58 -7.71
CA TYR B 498 26.92 -2.21 -8.55
C TYR B 498 27.70 -3.31 -7.85
N VAL B 499 27.76 -3.27 -6.52
CA VAL B 499 28.54 -4.20 -5.71
C VAL B 499 27.91 -4.16 -4.32
N ALA B 500 27.77 -5.33 -3.68
CA ALA B 500 26.90 -5.47 -2.51
C ALA B 500 27.67 -5.05 -1.26
N VAL B 501 27.79 -3.73 -1.08
CA VAL B 501 28.53 -3.17 0.04
C VAL B 501 27.66 -2.39 1.01
N HIS B 502 26.42 -2.07 0.66
CA HIS B 502 25.56 -1.32 1.57
C HIS B 502 24.71 -2.27 2.39
N PRO B 503 24.79 -2.24 3.73
CA PRO B 503 24.18 -3.33 4.52
C PRO B 503 22.65 -3.34 4.48
N LEU B 504 22.01 -2.23 4.11
CA LEU B 504 20.56 -2.13 4.05
C LEU B 504 20.01 -1.87 2.66
N GLU B 505 20.85 -1.47 1.71
CA GLU B 505 20.37 -1.00 0.41
C GLU B 505 20.90 -1.78 -0.79
N SER B 506 21.90 -2.65 -0.62
CA SER B 506 22.40 -3.44 -1.75
C SER B 506 21.55 -4.71 -1.87
N ARG B 507 20.33 -4.50 -2.31
CA ARG B 507 19.31 -5.53 -2.18
C ARG B 507 19.31 -6.54 -3.32
N MET B 508 20.32 -6.56 -4.20
CA MET B 508 20.55 -7.78 -4.96
C MET B 508 20.86 -8.93 -4.01
N SER B 509 21.34 -8.61 -2.80
CA SER B 509 21.32 -9.50 -1.65
C SER B 509 21.93 -8.80 -0.44
N LEU B 510 21.16 -8.53 0.60
CA LEU B 510 21.76 -8.02 1.83
C LEU B 510 22.54 -9.10 2.56
N GLU B 511 22.26 -10.37 2.28
CA GLU B 511 23.05 -11.46 2.84
C GLU B 511 24.43 -11.52 2.19
N TRP B 512 24.52 -11.14 0.92
CA TRP B 512 25.82 -10.94 0.29
C TRP B 512 26.57 -9.79 0.94
N ALA B 513 25.87 -8.67 1.17
CA ALA B 513 26.49 -7.54 1.87
C ALA B 513 26.94 -7.92 3.28
N LYS B 514 26.09 -8.62 4.02
CA LYS B 514 26.50 -9.05 5.36
C LYS B 514 27.79 -9.84 5.29
N TRP B 515 27.88 -10.77 4.33
CA TRP B 515 29.11 -11.53 4.14
C TRP B 515 30.30 -10.61 3.91
N TYR B 516 30.18 -9.64 2.99
CA TYR B 516 31.30 -8.74 2.71
C TYR B 516 31.67 -7.95 3.97
N LEU B 517 30.67 -7.41 4.67
CA LEU B 517 30.92 -6.50 5.78
C LEU B 517 31.40 -7.20 7.03
N SER B 518 31.30 -8.53 7.09
CA SER B 518 31.71 -9.33 8.23
C SER B 518 32.92 -10.20 7.92
N GLY B 519 33.66 -9.90 6.85
CA GLY B 519 34.82 -10.68 6.50
C GLY B 519 34.51 -12.13 6.17
N GLY B 520 33.34 -12.39 5.60
CA GLY B 520 32.97 -13.76 5.28
C GLY B 520 32.63 -14.60 6.48
N LYS B 521 32.37 -13.99 7.64
CA LYS B 521 32.00 -14.73 8.82
C LYS B 521 30.50 -14.85 9.00
N GLN B 522 29.72 -13.96 8.39
CA GLN B 522 28.26 -13.96 8.49
C GLN B 522 27.68 -13.95 7.08
N GLY B 523 26.35 -13.94 7.00
CA GLY B 523 25.67 -13.82 5.72
C GLY B 523 25.86 -15.02 4.81
N ILE B 524 25.76 -14.78 3.50
CA ILE B 524 25.81 -15.81 2.48
C ILE B 524 26.92 -15.46 1.50
N GLU B 525 27.75 -16.45 1.20
CA GLU B 525 28.88 -16.19 0.30
C GLU B 525 28.36 -15.83 -1.08
N PRO B 526 28.80 -14.70 -1.65
CA PRO B 526 28.28 -14.29 -2.97
C PRO B 526 28.84 -15.18 -4.08
N ASN B 527 28.24 -15.06 -5.27
CA ASN B 527 28.80 -15.78 -6.40
C ASN B 527 30.14 -15.15 -6.81
N GLU B 528 30.81 -15.79 -7.76
CA GLU B 528 32.19 -15.41 -8.08
C GLU B 528 32.26 -14.01 -8.67
N SER B 529 31.30 -13.65 -9.53
CA SER B 529 31.29 -12.29 -10.08
C SER B 529 31.13 -11.24 -9.00
N MET B 530 30.37 -11.53 -7.94
CA MET B 530 30.24 -10.55 -6.86
C MET B 530 31.49 -10.53 -5.99
N LYS B 531 32.03 -11.71 -5.65
CA LYS B 531 33.26 -11.72 -4.87
C LYS B 531 34.36 -10.97 -5.61
N LYS B 532 34.43 -11.12 -6.93
CA LYS B 532 35.42 -10.39 -7.72
C LYS B 532 35.22 -8.89 -7.57
N ARG B 533 33.98 -8.41 -7.80
CA ARG B 533 33.70 -6.98 -7.64
C ARG B 533 34.05 -6.50 -6.23
N MET B 534 33.86 -7.34 -5.21
CA MET B 534 34.18 -6.90 -3.85
C MET B 534 35.68 -6.78 -3.64
N ALA B 535 36.47 -7.65 -4.27
CA ALA B 535 37.92 -7.50 -4.24
C ALA B 535 38.35 -6.23 -4.96
N LEU B 536 37.78 -6.00 -6.16
CA LEU B 536 38.09 -4.79 -6.90
C LEU B 536 37.72 -3.54 -6.11
N TYR B 537 36.58 -3.57 -5.44
CA TYR B 537 36.13 -2.41 -4.67
C TYR B 537 37.11 -2.08 -3.57
N ASP B 538 37.60 -3.10 -2.87
CA ASP B 538 38.61 -2.89 -1.84
C ASP B 538 39.90 -2.31 -2.43
N GLN B 539 40.29 -2.80 -3.62
CA GLN B 539 41.45 -2.20 -4.28
C GLN B 539 41.18 -0.75 -4.68
N PHE B 540 39.96 -0.46 -5.13
CA PHE B 540 39.60 0.90 -5.50
C PHE B 540 39.71 1.84 -4.30
N VAL B 541 39.09 1.48 -3.17
CA VAL B 541 39.13 2.35 -2.00
C VAL B 541 40.56 2.62 -1.57
N ALA B 542 41.44 1.63 -1.72
CA ALA B 542 42.83 1.73 -1.32
C ALA B 542 43.75 2.12 -2.48
N ALA B 543 43.20 2.66 -3.57
CA ALA B 543 44.04 2.96 -4.73
C ALA B 543 45.05 4.05 -4.39
N LYS B 544 46.26 3.90 -4.94
CA LYS B 544 47.32 4.88 -4.72
C LYS B 544 47.27 6.05 -5.69
N THR B 545 46.65 5.86 -6.86
CA THR B 545 46.58 6.88 -7.88
C THR B 545 45.17 6.98 -8.42
N GLN B 546 44.83 8.16 -8.94
CA GLN B 546 43.52 8.33 -9.57
C GLN B 546 43.36 7.42 -10.79
N SER B 547 44.43 7.25 -11.57
CA SER B 547 44.30 6.44 -12.78
C SER B 547 44.02 4.98 -12.45
N GLN B 548 44.59 4.48 -11.35
CA GLN B 548 44.29 3.12 -10.92
C GLN B 548 42.88 3.00 -10.37
N ALA B 549 42.45 4.00 -9.57
CA ALA B 549 41.05 4.00 -9.12
C ALA B 549 40.10 4.04 -10.31
N LEU B 550 40.43 4.84 -11.34
CA LEU B 550 39.57 4.89 -12.50
C LEU B 550 39.46 3.52 -13.16
N SER B 551 40.61 2.86 -13.37
CA SER B 551 40.60 1.54 -13.99
C SER B 551 39.82 0.53 -13.15
N LEU B 552 40.03 0.53 -11.84
CA LEU B 552 39.43 -0.50 -10.99
C LEU B 552 37.92 -0.35 -10.94
N PHE B 553 37.43 0.88 -10.75
CA PHE B 553 35.98 1.08 -10.64
C PHE B 553 35.28 0.81 -11.97
N LYS B 554 35.92 1.16 -13.09
CA LYS B 554 35.35 0.81 -14.39
C LYS B 554 35.23 -0.71 -14.58
N GLN B 555 36.15 -1.48 -13.98
CA GLN B 555 36.03 -2.94 -14.04
C GLN B 555 34.81 -3.42 -13.28
N ILE B 556 34.52 -2.78 -12.14
CA ILE B 556 33.33 -3.14 -11.35
C ILE B 556 32.07 -2.88 -12.17
N LEU B 557 31.99 -1.69 -12.79
CA LEU B 557 30.77 -1.35 -13.53
C LEU B 557 30.57 -2.28 -14.71
N GLN B 558 31.66 -2.66 -15.39
CA GLN B 558 31.55 -3.58 -16.52
C GLN B 558 31.04 -4.94 -16.07
N ILE B 559 31.60 -5.46 -14.97
CA ILE B 559 31.09 -6.72 -14.43
C ILE B 559 29.62 -6.56 -14.05
N SER B 560 29.30 -5.47 -13.35
CA SER B 560 27.89 -5.23 -13.01
C SER B 560 27.02 -5.22 -14.27
N ALA B 561 27.57 -4.69 -15.37
CA ALA B 561 26.79 -4.66 -16.61
C ALA B 561 26.62 -6.07 -17.17
N ASP B 562 27.70 -6.84 -17.24
CA ASP B 562 27.58 -8.21 -17.74
C ASP B 562 26.57 -9.01 -16.94
N GLU B 563 26.48 -8.76 -15.63
CA GLU B 563 25.63 -9.58 -14.76
C GLU B 563 24.14 -9.18 -14.84
N PHE B 564 23.85 -7.89 -14.98
CA PHE B 564 22.47 -7.40 -15.04
C PHE B 564 21.64 -7.92 -13.86
N GLU B 565 22.06 -7.51 -12.66
CA GLU B 565 21.42 -7.99 -11.44
C GLU B 565 20.19 -7.19 -11.06
N VAL B 566 20.07 -5.94 -11.51
CA VAL B 566 19.00 -5.06 -11.07
C VAL B 566 18.45 -4.37 -12.30
N ILE B 567 17.14 -4.15 -12.33
CA ILE B 567 16.41 -3.75 -13.52
C ILE B 567 15.86 -2.34 -13.31
N GLY B 568 16.28 -1.41 -14.15
CA GLY B 568 15.76 -0.05 -14.06
C GLY B 568 14.45 0.14 -14.79
N THR B 569 13.71 1.17 -14.37
CA THR B 569 12.53 1.61 -15.10
C THR B 569 12.86 2.88 -15.87
N VAL B 570 13.00 4.00 -15.17
CA VAL B 570 13.29 5.30 -15.79
C VAL B 570 14.31 6.06 -14.94
N ARG B 571 15.23 6.76 -15.60
CA ARG B 571 16.03 7.73 -14.90
C ARG B 571 15.15 8.91 -14.48
N PRO B 572 15.48 9.60 -13.39
CA PRO B 572 14.55 10.58 -12.83
C PRO B 572 14.17 11.68 -13.82
N ALA B 573 12.93 12.14 -13.70
CA ALA B 573 12.58 13.46 -14.23
C ALA B 573 13.27 14.53 -13.39
N VAL B 574 13.17 15.78 -13.84
CA VAL B 574 13.63 16.89 -13.00
C VAL B 574 12.94 16.80 -11.65
N ILE B 575 13.69 17.09 -10.58
CA ILE B 575 13.14 17.11 -9.23
C ILE B 575 12.41 18.43 -9.02
N SER B 576 11.17 18.36 -8.52
CA SER B 576 10.34 19.53 -8.28
C SER B 576 10.44 19.91 -6.81
N SER B 577 11.12 21.01 -6.53
CA SER B 577 11.28 21.53 -5.18
C SER B 577 10.63 22.90 -5.11
N LEU B 578 10.41 23.39 -3.89
CA LEU B 578 9.83 24.72 -3.74
C LEU B 578 10.37 25.39 -2.49
N HIS B 579 10.28 26.71 -2.50
CA HIS B 579 10.53 27.48 -1.30
C HIS B 579 9.68 28.74 -1.36
N SER B 580 9.32 29.23 -0.17
CA SER B 580 8.58 30.47 -0.07
C SER B 580 9.34 31.61 -0.73
N LEU B 581 8.60 32.54 -1.34
CA LEU B 581 9.24 33.71 -1.95
C LEU B 581 9.91 34.58 -0.92
N LYS B 582 9.49 34.49 0.35
CA LYS B 582 10.10 35.23 1.44
C LYS B 582 11.39 34.60 1.92
N LEU B 583 11.65 33.34 1.56
CA LEU B 583 12.85 32.66 2.03
C LEU B 583 14.00 32.94 1.07
N GLN B 584 15.10 33.47 1.59
CA GLN B 584 16.24 33.90 0.80
C GLN B 584 17.42 32.96 0.99
N ASN B 585 18.33 32.97 0.01
CA ASN B 585 19.61 32.28 0.04
C ASN B 585 19.50 30.78 -0.18
N VAL B 586 18.39 30.29 -0.73
CA VAL B 586 18.30 28.91 -1.17
C VAL B 586 19.03 28.80 -2.50
N ASN B 587 19.93 27.83 -2.61
CA ASN B 587 20.64 27.60 -3.88
C ASN B 587 19.72 26.77 -4.77
N GLU B 588 19.01 27.45 -5.69
CA GLU B 588 18.10 26.78 -6.61
C GLU B 588 18.82 25.98 -7.69
N LYS B 589 20.15 26.05 -7.75
CA LYS B 589 20.92 25.29 -8.72
C LYS B 589 21.54 24.02 -8.14
N MET B 590 21.36 23.74 -6.85
CA MET B 590 22.06 22.61 -6.27
C MET B 590 21.53 21.29 -6.82
N PRO B 591 22.37 20.27 -6.91
CA PRO B 591 21.89 18.93 -7.26
C PRO B 591 21.11 18.33 -6.11
N PHE B 592 20.37 17.26 -6.41
CA PHE B 592 19.56 16.54 -5.44
C PHE B 592 20.21 15.20 -5.14
N GLY B 593 20.30 14.85 -3.85
CA GLY B 593 20.86 13.56 -3.52
C GLY B 593 21.19 13.33 -2.05
N TRP B 594 21.13 12.05 -1.66
CA TRP B 594 21.46 11.67 -0.29
C TRP B 594 22.91 11.93 0.11
N PRO B 595 23.93 11.63 -0.71
CA PRO B 595 25.32 11.90 -0.28
C PRO B 595 25.58 13.37 0.03
N TYR B 596 24.76 14.28 -0.49
CA TYR B 596 24.87 15.71 -0.22
C TYR B 596 23.80 16.21 0.76
N ALA B 597 22.98 15.30 1.30
CA ALA B 597 21.95 15.61 2.30
C ALA B 597 21.07 16.79 1.89
N THR B 598 20.69 16.83 0.62
CA THR B 598 19.85 17.92 0.13
C THR B 598 18.45 17.82 0.74
N PRO B 599 17.79 18.97 1.01
CA PRO B 599 18.29 20.30 0.64
C PRO B 599 19.38 20.96 1.52
N SER B 600 19.90 20.31 2.56
CA SER B 600 20.78 21.03 3.48
C SER B 600 22.15 21.30 2.88
N LEU B 601 22.45 20.74 1.71
CA LEU B 601 23.62 21.16 0.95
C LEU B 601 23.71 22.68 0.87
N SER B 602 22.56 23.34 0.65
CA SER B 602 22.47 24.79 0.47
C SER B 602 22.80 25.64 1.79
N LEU B 603 23.25 25.05 2.90
CA LEU B 603 23.62 25.81 4.09
C LEU B 603 22.39 26.48 4.70
N PRO B 604 21.47 25.71 5.30
CA PRO B 604 20.24 26.31 5.81
C PRO B 604 20.49 27.35 6.90
N GLN B 605 21.65 27.31 7.57
CA GLN B 605 21.97 28.32 8.59
C GLN B 605 22.09 29.73 8.00
N GLN B 606 22.22 29.88 6.68
CA GLN B 606 22.22 31.21 6.07
C GLN B 606 20.97 31.50 5.23
N TRP B 607 19.98 30.60 5.23
CA TRP B 607 18.65 30.98 4.77
C TRP B 607 18.08 32.03 5.72
N TYR B 608 17.28 32.95 5.17
CA TYR B 608 16.63 33.95 6.03
C TYR B 608 15.35 34.45 5.36
N PHE B 609 14.47 35.03 6.19
CA PHE B 609 13.23 35.62 5.72
C PHE B 609 13.43 37.12 5.50
N SER B 610 12.97 37.62 4.36
CA SER B 610 13.11 39.04 4.06
C SER B 610 12.00 39.88 4.68
#